data_9ERH
#
_entry.id   9ERH
#
_cell.length_a   178.183
_cell.length_b   178.183
_cell.length_c   83.675
_cell.angle_alpha   90.000
_cell.angle_beta   90.000
_cell.angle_gamma   120.000
#
_symmetry.space_group_name_H-M   'P 61'
#
loop_
_entity.id
_entity.type
_entity.pdbx_description
1 polymer 'Uhgb_MS mannoside synthase from an unknown human gut bacterium in complex with 1,2-beta-mannobiose'
2 branched beta-D-mannopyranose-(1-2)-alpha-D-mannopyranose
3 non-polymer 'SULFATE ION'
4 water water
#
_entity_poly.entity_id   1
_entity_poly.type   'polypeptide(L)'
_entity_poly.pdbx_seq_one_letter_code
;MDIAKRCESNPLLSPKDLKAGINDMEITCLLNPGVFKFKGKTWLLLRVAERPVQQEGIISFPIYDEQGQIKVMSFAENDP
DLDASDPRVIGYKGKNYLTTMSYLRLVSSEDGIHFHDEPGYPPIFGKGELEAFGIEDCRVASTKDGFYLTFTEVSSVAVG
VGMMHTNDWKTFEHYGMILPPHNKDCALFEEKINDKYYTFHRPSSPELGGNYIWLAESPDLRHWGNHKCVATTRDGFWDC
ARVGAGAAPIKTEAGWLEIYHGADFNHRYCLGALLLDLNDPSKVLARSKEPIMEPIASYEQTGFFGNVIFTNGQLVDGDT
ITIYYGASDEVICKAELSVKEILNILNVGILEHHHHHH
;
_entity_poly.pdbx_strand_id   A,B
#
loop_
_chem_comp.id
_chem_comp.type
_chem_comp.name
_chem_comp.formula
BMA D-saccharide, beta linking beta-D-mannopyranose 'C6 H12 O6'
MAN D-saccharide, alpha linking alpha-D-mannopyranose 'C6 H12 O6'
SO4 non-polymer 'SULFATE ION' 'O4 S -2'
#
# COMPACT_ATOMS: atom_id res chain seq x y z
N MET A 1 -27.05 -16.77 -15.25
CA MET A 1 -26.59 -16.32 -13.91
C MET A 1 -26.81 -14.80 -13.77
N ASP A 2 -26.85 -14.08 -14.89
CA ASP A 2 -27.05 -12.60 -14.91
C ASP A 2 -28.47 -12.27 -14.47
N ILE A 3 -28.61 -11.54 -13.36
CA ILE A 3 -29.94 -11.15 -12.80
C ILE A 3 -30.13 -9.64 -12.96
N ALA A 4 -29.56 -9.07 -14.04
CA ALA A 4 -29.53 -7.63 -14.23
C ALA A 4 -30.42 -7.24 -15.40
N LYS A 5 -31.07 -6.07 -15.26
CA LYS A 5 -31.98 -5.55 -16.28
C LYS A 5 -31.40 -4.26 -16.84
N ARG A 6 -30.83 -4.34 -18.05
CA ARG A 6 -30.22 -3.18 -18.69
C ARG A 6 -31.32 -2.21 -19.16
N CYS A 7 -30.99 -0.92 -19.14
CA CYS A 7 -31.79 0.10 -19.80
C CYS A 7 -31.69 -0.12 -21.30
N GLU A 8 -32.82 0.04 -22.01
CA GLU A 8 -32.89 -0.31 -23.42
C GLU A 8 -32.10 0.69 -24.27
N SER A 9 -31.80 1.87 -23.71
CA SER A 9 -31.10 2.92 -24.43
C SER A 9 -29.59 2.74 -24.36
N ASN A 10 -29.10 1.86 -23.47
CA ASN A 10 -27.68 1.54 -23.39
C ASN A 10 -27.13 1.33 -24.80
N PRO A 11 -26.01 1.99 -25.20
CA PRO A 11 -25.25 2.91 -24.35
C PRO A 11 -25.88 4.29 -24.22
N LEU A 12 -25.76 4.89 -23.03
CA LEU A 12 -26.28 6.21 -22.76
C LEU A 12 -25.35 7.26 -23.37
N LEU A 13 -24.10 7.30 -22.89
CA LEU A 13 -23.11 8.25 -23.37
C LEU A 13 -21.99 7.51 -24.10
N SER A 14 -21.39 8.19 -25.07
CA SER A 14 -20.24 7.68 -25.81
C SER A 14 -19.23 8.81 -25.98
N PRO A 15 -17.95 8.52 -26.30
CA PRO A 15 -16.94 9.57 -26.50
C PRO A 15 -17.37 10.69 -27.45
N LYS A 16 -18.03 10.32 -28.55
CA LYS A 16 -18.39 11.25 -29.62
C LYS A 16 -19.57 12.13 -29.21
N ASP A 17 -20.29 11.77 -28.14
CA ASP A 17 -21.47 12.50 -27.70
C ASP A 17 -21.09 13.78 -26.95
N LEU A 18 -19.83 13.89 -26.51
CA LEU A 18 -19.39 15.06 -25.76
C LEU A 18 -18.19 15.71 -26.46
N LYS A 19 -18.00 17.00 -26.15
CA LYS A 19 -16.90 17.79 -26.67
C LYS A 19 -15.72 17.67 -25.71
N ALA A 20 -14.50 17.74 -26.24
CA ALA A 20 -13.29 17.52 -25.46
C ALA A 20 -13.12 18.63 -24.43
N GLY A 21 -12.48 18.26 -23.30
CA GLY A 21 -12.26 19.19 -22.19
C GLY A 21 -10.85 19.78 -22.21
N ILE A 22 -9.88 19.00 -22.71
CA ILE A 22 -8.49 19.44 -22.83
C ILE A 22 -8.25 19.87 -24.28
N ASN A 23 -7.41 20.89 -24.45
CA ASN A 23 -7.18 21.48 -25.77
C ASN A 23 -6.35 20.53 -26.63
N ASP A 24 -6.79 20.37 -27.89
CA ASP A 24 -6.08 19.57 -28.89
C ASP A 24 -6.02 18.11 -28.45
N MET A 25 -7.15 17.60 -27.94
CA MET A 25 -7.26 16.23 -27.49
C MET A 25 -8.60 15.65 -27.94
N GLU A 26 -8.61 14.36 -28.28
CA GLU A 26 -9.84 13.62 -28.52
C GLU A 26 -10.28 12.93 -27.23
N ILE A 27 -11.57 12.61 -27.15
CA ILE A 27 -12.10 11.77 -26.08
C ILE A 27 -11.98 10.33 -26.51
N THR A 28 -11.32 9.51 -25.68
CA THR A 28 -11.07 8.10 -26.00
C THR A 28 -12.11 7.24 -25.29
N CYS A 29 -12.31 7.48 -23.99
CA CYS A 29 -13.16 6.64 -23.16
C CYS A 29 -14.02 7.47 -22.21
N LEU A 30 -15.29 7.08 -22.08
CA LEU A 30 -16.17 7.51 -21.00
C LEU A 30 -16.52 6.27 -20.17
N LEU A 31 -16.18 6.29 -18.88
CA LEU A 31 -16.28 5.08 -18.06
C LEU A 31 -16.42 5.42 -16.58
N ASN A 32 -16.88 4.43 -15.82
CA ASN A 32 -16.71 4.35 -14.38
C ASN A 32 -17.19 5.63 -13.70
N PRO A 33 -18.50 5.97 -13.79
CA PRO A 33 -19.02 7.19 -13.19
C PRO A 33 -19.48 7.05 -11.74
N GLY A 34 -19.28 8.12 -10.96
CA GLY A 34 -19.94 8.25 -9.67
C GLY A 34 -21.38 8.74 -9.86
N VAL A 35 -22.26 8.41 -8.90
CA VAL A 35 -23.67 8.71 -9.03
C VAL A 35 -24.17 9.35 -7.74
N PHE A 36 -24.99 10.40 -7.88
CA PHE A 36 -25.60 11.08 -6.75
C PHE A 36 -26.79 11.90 -7.26
N LYS A 37 -27.61 12.38 -6.31
CA LYS A 37 -28.74 13.25 -6.62
C LYS A 37 -28.48 14.64 -6.03
N PHE A 38 -28.86 15.67 -6.79
CA PHE A 38 -28.61 17.06 -6.39
C PHE A 38 -29.49 17.97 -7.25
N LYS A 39 -30.16 18.93 -6.60
CA LYS A 39 -31.04 19.89 -7.26
C LYS A 39 -32.19 19.16 -7.98
N GLY A 40 -32.61 18.01 -7.46
CA GLY A 40 -33.64 17.21 -8.10
C GLY A 40 -33.10 16.33 -9.22
N LYS A 41 -32.08 16.84 -9.94
CA LYS A 41 -31.45 16.12 -11.04
C LYS A 41 -30.69 14.92 -10.52
N THR A 42 -30.49 13.93 -11.40
CA THR A 42 -29.58 12.82 -11.15
C THR A 42 -28.26 13.12 -11.86
N TRP A 43 -27.16 13.08 -11.09
CA TRP A 43 -25.86 13.50 -11.59
C TRP A 43 -24.95 12.30 -11.81
N LEU A 44 -24.12 12.38 -12.85
CA LEU A 44 -23.04 11.43 -13.10
C LEU A 44 -21.71 12.18 -13.03
N LEU A 45 -20.75 11.61 -12.28
CA LEU A 45 -19.39 12.11 -12.23
C LEU A 45 -18.51 11.23 -13.12
N LEU A 46 -18.47 11.57 -14.42
CA LEU A 46 -17.83 10.75 -15.43
C LEU A 46 -16.32 10.76 -15.26
N ARG A 47 -15.68 9.62 -15.55
CA ARG A 47 -14.26 9.59 -15.86
C ARG A 47 -14.11 9.74 -17.37
N VAL A 48 -13.32 10.74 -17.78
CA VAL A 48 -13.14 11.06 -19.19
C VAL A 48 -11.66 10.93 -19.53
N ALA A 49 -11.32 9.93 -20.35
CA ALA A 49 -9.95 9.70 -20.78
C ALA A 49 -9.72 10.34 -22.15
N GLU A 50 -8.68 11.18 -22.25
CA GLU A 50 -8.38 11.89 -23.47
C GLU A 50 -6.91 11.70 -23.84
N ARG A 51 -6.63 11.80 -25.15
CA ARG A 51 -5.26 11.82 -25.66
C ARG A 51 -5.27 12.47 -27.04
N PRO A 52 -4.09 12.84 -27.60
CA PRO A 52 -4.04 13.41 -28.95
C PRO A 52 -4.52 12.42 -30.01
N VAL A 53 -4.63 12.92 -31.26
CA VAL A 53 -4.87 12.06 -32.41
C VAL A 53 -3.62 11.21 -32.61
N GLN A 54 -3.80 9.89 -32.71
CA GLN A 54 -2.69 8.97 -32.78
C GLN A 54 -2.16 8.92 -34.22
N GLN A 55 -0.84 9.18 -34.34
CA GLN A 55 -0.12 9.07 -35.60
C GLN A 55 0.29 7.61 -35.79
N GLU A 56 0.44 7.20 -37.05
CA GLU A 56 0.81 5.84 -37.39
C GLU A 56 2.21 5.54 -36.85
N GLY A 57 2.31 4.49 -36.04
CA GLY A 57 3.58 3.98 -35.54
C GLY A 57 4.06 4.74 -34.30
N ILE A 58 3.21 5.58 -33.72
CA ILE A 58 3.58 6.37 -32.56
C ILE A 58 2.48 6.27 -31.51
N ILE A 59 2.88 5.95 -30.27
CA ILE A 59 2.01 6.05 -29.11
C ILE A 59 2.29 7.41 -28.45
N SER A 60 1.28 8.27 -28.38
CA SER A 60 1.41 9.57 -27.76
C SER A 60 0.29 9.77 -26.74
N PHE A 61 0.63 10.44 -25.62
CA PHE A 61 -0.30 10.63 -24.52
C PHE A 61 0.08 11.89 -23.74
N PRO A 62 -0.89 12.54 -23.04
CA PRO A 62 -0.60 13.73 -22.25
C PRO A 62 -0.24 13.44 -20.79
N ILE A 63 0.68 14.26 -20.24
CA ILE A 63 0.98 14.27 -18.83
C ILE A 63 1.21 15.71 -18.37
N TYR A 64 0.88 15.99 -17.11
CA TYR A 64 1.23 17.26 -16.50
C TYR A 64 2.73 17.25 -16.19
N ASP A 65 3.39 18.39 -16.41
CA ASP A 65 4.78 18.58 -16.04
C ASP A 65 4.82 19.17 -14.62
N GLU A 66 6.01 19.66 -14.22
CA GLU A 66 6.22 20.18 -12.88
C GLU A 66 5.44 21.48 -12.67
N GLN A 67 5.35 22.30 -13.74
CA GLN A 67 4.65 23.57 -13.67
C GLN A 67 3.14 23.35 -13.60
N GLY A 68 2.68 22.21 -14.14
CA GLY A 68 1.26 21.87 -14.15
C GLY A 68 0.62 22.15 -15.50
N GLN A 69 1.46 22.22 -16.55
CA GLN A 69 0.99 22.41 -17.92
C GLN A 69 1.11 21.09 -18.67
N ILE A 70 0.20 20.90 -19.63
CA ILE A 70 0.09 19.65 -20.37
C ILE A 70 1.30 19.50 -21.28
N LYS A 71 1.80 18.26 -21.37
CA LYS A 71 2.90 17.91 -22.25
C LYS A 71 2.54 16.61 -22.96
N VAL A 72 3.11 16.41 -24.15
CA VAL A 72 2.86 15.22 -24.94
C VAL A 72 4.13 14.37 -24.95
N MET A 73 4.03 13.17 -24.35
CA MET A 73 5.07 12.16 -24.42
C MET A 73 4.81 11.30 -25.66
N SER A 74 5.89 10.84 -26.31
CA SER A 74 5.79 10.07 -27.53
C SER A 74 6.79 8.91 -27.52
N PHE A 75 6.32 7.73 -27.95
CA PHE A 75 7.15 6.55 -28.09
C PHE A 75 6.85 5.89 -29.43
N ALA A 76 7.89 5.32 -30.06
CA ALA A 76 7.74 4.60 -31.30
C ALA A 76 7.34 3.15 -31.00
N GLU A 77 6.35 2.65 -31.75
CA GLU A 77 5.76 1.34 -31.51
C GLU A 77 6.79 0.22 -31.71
N ASN A 78 7.81 0.47 -32.55
CA ASN A 78 8.80 -0.55 -32.88
C ASN A 78 10.05 -0.39 -32.00
N ASP A 79 9.97 0.47 -30.99
CA ASP A 79 11.09 0.68 -30.08
C ASP A 79 11.25 -0.57 -29.22
N PRO A 80 12.46 -1.16 -29.11
CA PRO A 80 12.67 -2.37 -28.31
C PRO A 80 12.51 -2.16 -26.81
N ASP A 81 12.72 -0.91 -26.35
CA ASP A 81 12.59 -0.57 -24.94
C ASP A 81 11.14 -0.32 -24.55
N LEU A 82 10.22 -0.34 -25.52
CA LEU A 82 8.81 -0.10 -25.26
C LEU A 82 8.10 -1.44 -25.03
N ASP A 83 7.20 -1.46 -24.04
CA ASP A 83 6.32 -2.58 -23.79
C ASP A 83 4.88 -2.08 -23.79
N ALA A 84 4.13 -2.38 -24.86
CA ALA A 84 2.76 -1.92 -25.01
C ALA A 84 1.81 -3.10 -25.18
N SER A 85 2.11 -4.22 -24.52
CA SER A 85 1.26 -5.39 -24.54
C SER A 85 -0.09 -5.06 -23.93
N ASP A 86 -0.07 -4.38 -22.77
CA ASP A 86 -1.25 -3.81 -22.16
C ASP A 86 -1.47 -2.41 -22.75
N PRO A 87 -2.61 -2.15 -23.43
CA PRO A 87 -2.86 -0.83 -24.02
C PRO A 87 -3.23 0.28 -23.02
N ARG A 88 -3.60 -0.10 -21.80
CA ARG A 88 -3.96 0.85 -20.76
C ARG A 88 -2.69 1.41 -20.12
N VAL A 89 -1.80 0.51 -19.69
CA VAL A 89 -0.57 0.88 -19.02
C VAL A 89 0.60 0.35 -19.84
N ILE A 90 1.60 1.21 -20.09
CA ILE A 90 2.77 0.84 -20.87
C ILE A 90 4.01 1.00 -20.00
N GLY A 91 5.08 0.31 -20.40
CA GLY A 91 6.38 0.43 -19.76
C GLY A 91 7.44 0.90 -20.75
N TYR A 92 8.38 1.71 -20.27
CA TYR A 92 9.50 2.18 -21.07
C TYR A 92 10.71 2.37 -20.17
N LYS A 93 11.69 1.46 -20.32
CA LYS A 93 12.92 1.48 -19.54
C LYS A 93 12.60 1.44 -18.05
N GLY A 94 11.71 0.52 -17.66
CA GLY A 94 11.36 0.30 -16.27
C GLY A 94 10.13 1.10 -15.84
N LYS A 95 10.15 2.41 -16.11
CA LYS A 95 9.11 3.32 -15.66
C LYS A 95 7.81 3.05 -16.43
N ASN A 96 6.67 3.28 -15.77
CA ASN A 96 5.36 3.01 -16.33
C ASN A 96 4.65 4.32 -16.66
N TYR A 97 3.72 4.25 -17.61
CA TYR A 97 2.95 5.40 -18.07
C TYR A 97 1.55 4.96 -18.50
N LEU A 98 0.58 5.87 -18.39
CA LEU A 98 -0.76 5.65 -18.92
C LEU A 98 -0.79 6.14 -20.37
N THR A 99 -1.70 5.57 -21.17
CA THR A 99 -1.83 5.93 -22.58
C THR A 99 -2.88 7.03 -22.77
N THR A 100 -3.59 7.37 -21.69
CA THR A 100 -4.52 8.51 -21.69
C THR A 100 -4.39 9.23 -20.36
N MET A 101 -5.03 10.40 -20.27
CA MET A 101 -5.18 11.13 -19.02
C MET A 101 -6.65 11.29 -18.72
N SER A 102 -7.05 10.92 -17.49
CA SER A 102 -8.43 10.99 -17.06
C SER A 102 -8.67 12.24 -16.21
N TYR A 103 -9.92 12.71 -16.22
CA TYR A 103 -10.38 13.76 -15.33
C TYR A 103 -11.86 13.53 -15.04
N LEU A 104 -12.40 14.25 -14.05
CA LEU A 104 -13.76 14.05 -13.61
C LEU A 104 -14.64 15.17 -14.16
N ARG A 105 -15.82 14.78 -14.66
CA ARG A 105 -16.71 15.68 -15.38
C ARG A 105 -18.15 15.43 -14.95
N LEU A 106 -18.90 16.52 -14.73
CA LEU A 106 -20.26 16.45 -14.23
C LEU A 106 -21.26 16.53 -15.38
N VAL A 107 -22.30 15.68 -15.31
CA VAL A 107 -23.42 15.72 -16.24
C VAL A 107 -24.70 15.44 -15.45
N SER A 108 -25.75 16.22 -15.74
CA SER A 108 -27.02 16.11 -15.03
C SER A 108 -28.09 15.53 -15.95
N SER A 109 -29.21 15.10 -15.35
CA SER A 109 -30.32 14.52 -16.09
C SER A 109 -31.59 14.56 -15.25
N GLU A 110 -32.69 14.99 -15.87
CA GLU A 110 -34.00 14.99 -15.24
C GLU A 110 -34.54 13.57 -15.17
N ASP A 111 -34.54 12.89 -16.32
CA ASP A 111 -35.11 11.57 -16.47
C ASP A 111 -34.16 10.51 -15.91
N GLY A 112 -32.86 10.71 -16.13
CA GLY A 112 -31.83 9.76 -15.69
C GLY A 112 -31.43 8.81 -16.82
N ILE A 113 -31.45 9.34 -18.06
CA ILE A 113 -31.07 8.58 -19.24
C ILE A 113 -30.40 9.51 -20.25
N HIS A 114 -30.96 10.71 -20.44
CA HIS A 114 -30.36 11.74 -21.29
C HIS A 114 -29.56 12.70 -20.40
N PHE A 115 -28.23 12.67 -20.55
CA PHE A 115 -27.33 13.46 -19.73
C PHE A 115 -26.67 14.54 -20.59
N HIS A 116 -26.47 15.72 -19.98
CA HIS A 116 -25.82 16.85 -20.64
C HIS A 116 -25.02 17.64 -19.62
N ASP A 117 -24.12 18.50 -20.11
CA ASP A 117 -23.30 19.36 -19.27
C ASP A 117 -24.18 20.43 -18.63
N GLU A 118 -23.71 20.98 -17.50
CA GLU A 118 -24.40 22.04 -16.79
C GLU A 118 -23.47 23.25 -16.70
N PRO A 119 -23.83 24.42 -17.29
CA PRO A 119 -23.05 25.64 -17.14
C PRO A 119 -22.88 26.03 -15.67
N GLY A 120 -21.64 26.39 -15.29
CA GLY A 120 -21.33 26.80 -13.93
C GLY A 120 -20.76 25.64 -13.10
N TYR A 121 -20.76 24.42 -13.67
CA TYR A 121 -20.25 23.24 -13.00
C TYR A 121 -19.10 22.66 -13.82
N PRO A 122 -17.90 23.27 -13.81
CA PRO A 122 -16.79 22.82 -14.65
C PRO A 122 -16.19 21.50 -14.17
N PRO A 123 -15.34 20.83 -14.98
CA PRO A 123 -14.75 19.55 -14.60
C PRO A 123 -13.67 19.68 -13.53
N ILE A 124 -13.31 18.55 -12.92
CA ILE A 124 -12.26 18.50 -11.92
C ILE A 124 -11.03 17.84 -12.55
N PHE A 125 -9.92 18.60 -12.61
CA PHE A 125 -8.67 18.11 -13.16
C PHE A 125 -7.69 17.83 -12.04
N GLY A 126 -6.65 17.05 -12.35
CA GLY A 126 -5.64 16.67 -11.37
C GLY A 126 -4.76 17.87 -10.98
N LYS A 127 -4.38 17.92 -9.70
CA LYS A 127 -3.53 18.97 -9.18
C LYS A 127 -2.42 18.33 -8.34
N GLY A 128 -1.20 18.85 -8.47
CA GLY A 128 -0.07 18.41 -7.67
C GLY A 128 0.64 17.22 -8.30
N GLU A 129 1.76 16.82 -7.69
CA GLU A 129 2.63 15.77 -8.21
C GLU A 129 1.90 14.44 -8.27
N LEU A 130 1.05 14.16 -7.27
CA LEU A 130 0.46 12.86 -7.08
C LEU A 130 -0.71 12.64 -8.03
N GLU A 131 -1.17 13.70 -8.70
CA GLU A 131 -2.25 13.59 -9.68
C GLU A 131 -1.74 13.96 -11.08
N ALA A 132 -0.45 13.74 -11.33
CA ALA A 132 0.19 14.18 -12.56
C ALA A 132 -0.29 13.36 -13.76
N PHE A 133 -0.70 12.11 -13.53
CA PHE A 133 -1.18 11.24 -14.60
C PHE A 133 -2.71 11.19 -14.61
N GLY A 134 -3.36 12.05 -13.80
CA GLY A 134 -4.80 12.19 -13.83
C GLY A 134 -5.47 11.53 -12.63
N ILE A 135 -6.81 11.59 -12.62
CA ILE A 135 -7.62 11.03 -11.55
C ILE A 135 -8.75 10.21 -12.17
N GLU A 136 -9.15 9.14 -11.48
CA GLU A 136 -9.98 8.10 -12.08
C GLU A 136 -11.00 7.56 -11.07
N ASP A 137 -12.11 7.03 -11.61
CA ASP A 137 -12.97 6.10 -10.90
C ASP A 137 -13.41 6.66 -9.56
N CYS A 138 -14.20 7.75 -9.59
CA CYS A 138 -14.59 8.43 -8.36
C CYS A 138 -15.89 7.84 -7.80
N ARG A 139 -15.84 7.42 -6.53
CA ARG A 139 -17.04 7.08 -5.78
C ARG A 139 -17.54 8.34 -5.08
N VAL A 140 -18.85 8.56 -5.13
CA VAL A 140 -19.48 9.68 -4.44
C VAL A 140 -20.30 9.12 -3.29
N ALA A 141 -20.03 9.62 -2.07
CA ALA A 141 -20.78 9.25 -0.88
C ALA A 141 -21.63 10.42 -0.43
N SER A 142 -22.95 10.26 -0.51
CA SER A 142 -23.90 11.26 -0.01
C SER A 142 -24.12 11.04 1.48
N THR A 143 -23.73 12.04 2.29
CA THR A 143 -23.78 11.92 3.75
C THR A 143 -24.55 13.11 4.33
N LYS A 144 -24.64 13.13 5.67
CA LYS A 144 -25.29 14.18 6.41
C LYS A 144 -24.53 15.50 6.22
N ASP A 145 -23.19 15.40 6.19
CA ASP A 145 -22.32 16.57 6.19
C ASP A 145 -22.03 17.02 4.75
N GLY A 146 -22.43 16.22 3.75
CA GLY A 146 -22.31 16.63 2.36
C GLY A 146 -21.90 15.46 1.46
N PHE A 147 -21.12 15.78 0.41
CA PHE A 147 -20.68 14.81 -0.57
C PHE A 147 -19.17 14.59 -0.44
N TYR A 148 -18.77 13.32 -0.28
CA TYR A 148 -17.36 12.96 -0.17
C TYR A 148 -16.95 12.17 -1.41
N LEU A 149 -15.85 12.59 -2.03
CA LEU A 149 -15.32 11.99 -3.24
C LEU A 149 -14.08 11.17 -2.89
N THR A 150 -14.07 9.88 -3.30
CA THR A 150 -12.90 9.03 -3.14
C THR A 150 -12.53 8.44 -4.49
N PHE A 151 -11.30 8.75 -4.94
CA PHE A 151 -10.89 8.49 -6.31
C PHE A 151 -9.42 8.08 -6.35
N THR A 152 -8.99 7.56 -7.51
CA THR A 152 -7.62 7.16 -7.72
C THR A 152 -6.80 8.39 -8.10
N GLU A 153 -5.63 8.56 -7.45
CA GLU A 153 -4.64 9.56 -7.84
C GLU A 153 -3.46 8.84 -8.47
N VAL A 154 -3.22 9.10 -9.76
CA VAL A 154 -2.17 8.41 -10.50
C VAL A 154 -1.02 9.38 -10.76
N SER A 155 0.21 8.87 -10.63
CA SER A 155 1.40 9.58 -11.03
C SER A 155 2.53 8.54 -11.25
N SER A 156 3.73 9.03 -11.57
CA SER A 156 4.85 8.15 -11.84
C SER A 156 5.33 7.44 -10.57
N VAL A 157 4.94 7.95 -9.39
CA VAL A 157 5.44 7.44 -8.13
C VAL A 157 4.36 6.65 -7.37
N ALA A 158 3.09 6.74 -7.78
CA ALA A 158 2.03 6.14 -6.99
C ALA A 158 0.72 6.03 -7.77
N VAL A 159 0.05 4.88 -7.58
CA VAL A 159 -1.40 4.75 -7.74
C VAL A 159 -2.00 4.71 -6.34
N GLY A 160 -2.64 5.80 -5.92
CA GLY A 160 -3.13 5.94 -4.56
C GLY A 160 -4.55 6.51 -4.53
N VAL A 161 -5.05 6.80 -3.33
CA VAL A 161 -6.43 7.24 -3.13
C VAL A 161 -6.42 8.63 -2.50
N GLY A 162 -7.14 9.57 -3.14
CA GLY A 162 -7.35 10.89 -2.60
C GLY A 162 -8.83 11.10 -2.26
N MET A 163 -9.11 12.13 -1.44
CA MET A 163 -10.48 12.43 -1.04
C MET A 163 -10.73 13.93 -1.13
N MET A 164 -11.92 14.29 -1.62
CA MET A 164 -12.39 15.67 -1.65
C MET A 164 -13.78 15.75 -1.03
N HIS A 165 -14.20 16.97 -0.68
CA HIS A 165 -15.50 17.21 -0.08
C HIS A 165 -16.12 18.45 -0.72
N THR A 166 -17.45 18.42 -0.90
CA THR A 166 -18.18 19.51 -1.51
C THR A 166 -19.63 19.49 -1.03
N ASN A 167 -20.24 20.69 -0.99
CA ASN A 167 -21.66 20.85 -0.67
C ASN A 167 -22.43 21.25 -1.92
N ASP A 168 -21.85 22.15 -2.73
CA ASP A 168 -22.54 22.74 -3.87
C ASP A 168 -21.98 22.23 -5.20
N TRP A 169 -20.90 21.43 -5.15
CA TRP A 169 -20.22 20.92 -6.34
C TRP A 169 -19.62 22.06 -7.16
N LYS A 170 -19.15 23.11 -6.48
CA LYS A 170 -18.46 24.22 -7.11
C LYS A 170 -17.19 24.52 -6.33
N THR A 171 -17.33 24.69 -5.01
CA THR A 171 -16.20 24.74 -4.10
C THR A 171 -15.82 23.31 -3.72
N PHE A 172 -14.53 23.09 -3.47
CA PHE A 172 -14.02 21.78 -3.09
C PHE A 172 -12.95 21.94 -2.02
N GLU A 173 -12.90 20.97 -1.11
CA GLU A 173 -11.83 20.88 -0.12
C GLU A 173 -11.10 19.56 -0.34
N HIS A 174 -9.77 19.62 -0.40
CA HIS A 174 -8.94 18.47 -0.72
C HIS A 174 -8.26 17.98 0.54
N TYR A 175 -8.44 16.69 0.87
CA TYR A 175 -7.87 16.11 2.08
C TYR A 175 -6.54 15.43 1.77
N GLY A 176 -6.13 15.44 0.49
CA GLY A 176 -4.86 14.85 0.09
C GLY A 176 -5.00 13.34 -0.14
N MET A 177 -3.86 12.66 -0.26
CA MET A 177 -3.83 11.22 -0.43
C MET A 177 -4.08 10.55 0.93
N ILE A 178 -5.25 9.90 1.06
CA ILE A 178 -5.67 9.35 2.33
C ILE A 178 -5.12 7.93 2.52
N LEU A 179 -4.94 7.21 1.40
CA LEU A 179 -4.37 5.87 1.43
C LEU A 179 -3.19 5.82 0.47
N PRO A 180 -2.04 5.23 0.87
CA PRO A 180 -0.82 5.25 0.06
C PRO A 180 -0.91 4.23 -1.08
N PRO A 181 0.04 4.24 -2.04
CA PRO A 181 0.07 3.21 -3.07
C PRO A 181 0.42 1.85 -2.48
N HIS A 182 0.14 0.75 -3.19
CA HIS A 182 -0.61 0.74 -4.44
C HIS A 182 -2.06 0.40 -4.12
N ASN A 183 -2.96 1.39 -4.21
CA ASN A 183 -4.31 1.27 -3.66
C ASN A 183 -5.30 2.00 -4.56
N LYS A 184 -6.52 1.44 -4.64
CA LYS A 184 -7.62 2.08 -5.34
C LYS A 184 -8.93 1.45 -4.87
N ASP A 185 -10.03 1.75 -5.59
CA ASP A 185 -11.34 1.16 -5.34
C ASP A 185 -11.78 1.47 -3.91
N CYS A 186 -11.82 2.77 -3.58
CA CYS A 186 -12.13 3.22 -2.24
C CYS A 186 -13.61 3.59 -2.14
N ALA A 187 -14.37 2.80 -1.37
CA ALA A 187 -15.79 3.01 -1.18
C ALA A 187 -16.06 3.41 0.28
N LEU A 188 -16.29 4.71 0.50
CA LEU A 188 -16.58 5.24 1.82
C LEU A 188 -18.01 4.89 2.19
N PHE A 189 -18.22 4.48 3.45
CA PHE A 189 -19.55 4.18 3.97
C PHE A 189 -20.28 5.50 4.19
N GLU A 190 -21.58 5.52 3.86
CA GLU A 190 -22.34 6.75 3.79
C GLU A 190 -22.84 7.19 5.17
N GLU A 191 -22.67 6.33 6.18
CA GLU A 191 -23.00 6.68 7.56
C GLU A 191 -21.99 6.06 8.51
N LYS A 192 -21.95 6.57 9.74
CA LYS A 192 -20.99 6.14 10.76
C LYS A 192 -21.48 4.86 11.42
N ILE A 193 -20.52 4.11 12.00
CA ILE A 193 -20.81 2.89 12.73
C ILE A 193 -20.02 2.92 14.04
N ASN A 194 -20.74 2.92 15.17
CA ASN A 194 -20.13 3.01 16.50
C ASN A 194 -19.27 4.27 16.59
N ASP A 195 -19.79 5.37 16.03
CA ASP A 195 -19.14 6.67 16.08
C ASP A 195 -17.77 6.60 15.38
N LYS A 196 -17.71 5.89 14.25
CA LYS A 196 -16.49 5.78 13.46
C LYS A 196 -16.85 5.71 11.97
N TYR A 197 -15.98 6.27 11.13
CA TYR A 197 -16.14 6.20 9.69
C TYR A 197 -15.45 4.93 9.18
N TYR A 198 -16.03 4.30 8.15
CA TYR A 198 -15.50 3.08 7.57
C TYR A 198 -15.44 3.22 6.05
N THR A 199 -14.44 2.55 5.44
CA THR A 199 -14.31 2.52 4.00
C THR A 199 -13.71 1.18 3.57
N PHE A 200 -14.14 0.67 2.41
CA PHE A 200 -13.43 -0.38 1.71
C PHE A 200 -12.28 0.25 0.94
N HIS A 201 -11.24 -0.56 0.68
CA HIS A 201 -10.15 -0.17 -0.20
C HIS A 201 -9.50 -1.45 -0.73
N ARG A 202 -8.59 -1.30 -1.70
CA ARG A 202 -8.05 -2.44 -2.43
C ARG A 202 -6.56 -2.22 -2.69
N PRO A 203 -5.68 -2.50 -1.70
CA PRO A 203 -4.24 -2.47 -1.92
C PRO A 203 -3.79 -3.67 -2.76
N SER A 204 -2.66 -3.49 -3.46
CA SER A 204 -2.10 -4.53 -4.32
C SER A 204 -0.69 -4.89 -3.85
N SER A 205 -0.46 -6.19 -3.59
CA SER A 205 0.81 -6.68 -3.09
C SER A 205 1.64 -7.25 -4.22
N PRO A 206 2.92 -6.82 -4.40
CA PRO A 206 3.83 -7.50 -5.33
C PRO A 206 4.06 -8.97 -4.98
N GLU A 207 4.18 -9.25 -3.67
CA GLU A 207 4.32 -10.61 -3.17
C GLU A 207 3.67 -10.69 -1.78
N LEU A 208 3.48 -11.92 -1.30
CA LEU A 208 2.86 -12.18 -0.01
C LEU A 208 1.51 -11.47 0.06
N GLY A 209 0.61 -11.86 -0.86
CA GLY A 209 -0.73 -11.28 -0.93
C GLY A 209 -1.23 -11.25 -2.37
N GLY A 210 -2.14 -10.31 -2.65
CA GLY A 210 -2.72 -10.16 -3.97
C GLY A 210 -3.56 -8.87 -4.06
N ASN A 211 -4.69 -8.97 -4.77
CA ASN A 211 -5.60 -7.85 -4.95
C ASN A 211 -6.90 -8.15 -4.21
N TYR A 212 -6.90 -7.93 -2.89
CA TYR A 212 -8.01 -8.27 -2.03
C TYR A 212 -8.73 -7.00 -1.58
N ILE A 213 -9.95 -7.17 -1.07
CA ILE A 213 -10.75 -6.07 -0.53
C ILE A 213 -10.43 -5.92 0.96
N TRP A 214 -10.17 -4.69 1.39
CA TRP A 214 -9.78 -4.40 2.77
C TRP A 214 -10.75 -3.38 3.39
N LEU A 215 -10.70 -3.29 4.73
CA LEU A 215 -11.50 -2.34 5.49
C LEU A 215 -10.56 -1.44 6.28
N ALA A 216 -10.98 -0.18 6.49
CA ALA A 216 -10.24 0.77 7.31
C ALA A 216 -11.22 1.66 8.06
N GLU A 217 -10.81 2.13 9.26
CA GLU A 217 -11.65 2.98 10.07
C GLU A 217 -10.96 4.33 10.30
N SER A 218 -11.76 5.35 10.62
CA SER A 218 -11.26 6.70 10.78
C SER A 218 -12.14 7.50 11.74
N PRO A 219 -11.55 8.38 12.58
CA PRO A 219 -12.32 9.33 13.38
C PRO A 219 -12.68 10.63 12.67
N ASP A 220 -11.75 11.15 11.85
CA ASP A 220 -11.87 12.47 11.27
C ASP A 220 -11.99 12.41 9.74
N LEU A 221 -11.83 11.22 9.16
CA LEU A 221 -12.10 10.96 7.75
C LEU A 221 -10.86 11.28 6.90
N ARG A 222 -9.90 12.00 7.47
CA ARG A 222 -8.64 12.33 6.79
C ARG A 222 -7.59 11.25 7.08
N HIS A 223 -7.59 10.72 8.31
CA HIS A 223 -6.60 9.76 8.75
C HIS A 223 -7.26 8.41 8.97
N TRP A 224 -6.61 7.34 8.48
CA TRP A 224 -7.19 6.00 8.47
C TRP A 224 -6.23 5.01 9.13
N GLY A 225 -6.80 3.91 9.66
CA GLY A 225 -6.01 2.90 10.35
C GLY A 225 -6.84 1.67 10.74
N ASN A 226 -6.21 0.77 11.49
CA ASN A 226 -6.81 -0.48 11.96
C ASN A 226 -7.31 -1.27 10.76
N HIS A 227 -6.40 -1.58 9.84
CA HIS A 227 -6.74 -2.23 8.58
C HIS A 227 -7.09 -3.70 8.84
N LYS A 228 -8.01 -4.23 8.01
CA LYS A 228 -8.44 -5.61 8.12
C LYS A 228 -8.78 -6.14 6.73
N CYS A 229 -8.32 -7.36 6.43
CA CYS A 229 -8.60 -8.03 5.17
C CYS A 229 -10.02 -8.60 5.21
N VAL A 230 -10.87 -8.18 4.25
CA VAL A 230 -12.28 -8.53 4.25
C VAL A 230 -12.47 -9.81 3.43
N ALA A 231 -12.15 -9.73 2.14
CA ALA A 231 -12.40 -10.82 1.21
C ALA A 231 -11.29 -10.87 0.15
N THR A 232 -10.78 -12.07 -0.11
CA THR A 232 -9.69 -12.27 -1.06
C THR A 232 -10.27 -12.77 -2.39
N THR A 233 -9.38 -13.05 -3.34
CA THR A 233 -9.73 -13.73 -4.58
C THR A 233 -9.90 -15.22 -4.27
N ARG A 234 -10.48 -15.95 -5.23
CA ARG A 234 -10.77 -17.36 -5.07
C ARG A 234 -10.22 -18.13 -6.27
N ASP A 235 -9.27 -19.04 -6.02
CA ASP A 235 -8.63 -19.80 -7.08
C ASP A 235 -9.66 -20.71 -7.75
N GLY A 236 -9.69 -20.67 -9.09
CA GLY A 236 -10.61 -21.48 -9.88
C GLY A 236 -11.87 -20.71 -10.27
N PHE A 237 -12.24 -19.71 -9.46
CA PHE A 237 -13.47 -18.96 -9.65
C PHE A 237 -13.28 -17.88 -10.70
N TRP A 238 -14.38 -17.16 -10.99
CA TRP A 238 -14.40 -16.05 -11.92
C TRP A 238 -13.63 -14.85 -11.38
N ASP A 239 -13.45 -14.79 -10.05
CA ASP A 239 -12.76 -13.70 -9.38
C ASP A 239 -11.45 -14.20 -8.80
N CYS A 240 -10.59 -14.79 -9.65
CA CYS A 240 -9.35 -15.41 -9.21
C CYS A 240 -8.19 -14.43 -9.29
N ALA A 241 -8.27 -13.45 -10.21
CA ALA A 241 -7.18 -12.52 -10.45
C ALA A 241 -7.23 -11.34 -9.49
N ARG A 242 -8.43 -10.75 -9.32
CA ARG A 242 -8.57 -9.55 -8.52
C ARG A 242 -10.02 -9.35 -8.10
N VAL A 243 -10.21 -8.70 -6.95
CA VAL A 243 -11.51 -8.28 -6.47
C VAL A 243 -11.40 -6.83 -5.99
N GLY A 244 -12.52 -6.10 -6.03
CA GLY A 244 -12.55 -4.73 -5.57
C GLY A 244 -13.99 -4.25 -5.34
N ALA A 245 -14.15 -3.36 -4.35
CA ALA A 245 -15.45 -2.77 -4.04
C ALA A 245 -15.85 -1.79 -5.13
N GLY A 246 -17.18 -1.59 -5.28
CA GLY A 246 -17.72 -0.62 -6.20
C GLY A 246 -18.13 0.66 -5.46
N ALA A 247 -19.45 0.90 -5.39
CA ALA A 247 -19.99 2.04 -4.66
C ALA A 247 -20.08 1.70 -3.16
N ALA A 248 -20.58 2.65 -2.38
CA ALA A 248 -20.78 2.44 -0.95
C ALA A 248 -21.74 1.28 -0.73
N PRO A 249 -21.64 0.56 0.41
CA PRO A 249 -22.55 -0.55 0.70
C PRO A 249 -23.96 -0.09 1.06
N ILE A 250 -24.95 -0.94 0.79
CA ILE A 250 -26.35 -0.65 1.04
C ILE A 250 -26.73 -1.21 2.40
N LYS A 251 -27.39 -0.37 3.21
CA LYS A 251 -27.87 -0.75 4.53
C LYS A 251 -29.13 -1.59 4.39
N THR A 252 -29.09 -2.83 4.89
CA THR A 252 -30.26 -3.71 4.91
C THR A 252 -30.39 -4.34 6.29
N GLU A 253 -31.48 -5.10 6.48
CA GLU A 253 -31.73 -5.80 7.73
C GLU A 253 -30.79 -6.99 7.87
N ALA A 254 -30.39 -7.58 6.73
CA ALA A 254 -29.49 -8.72 6.70
C ALA A 254 -28.06 -8.28 7.02
N GLY A 255 -27.65 -7.13 6.45
CA GLY A 255 -26.33 -6.58 6.70
C GLY A 255 -25.97 -5.50 5.68
N TRP A 256 -24.66 -5.29 5.46
CA TRP A 256 -24.18 -4.36 4.45
C TRP A 256 -24.03 -5.10 3.12
N LEU A 257 -24.93 -4.80 2.17
CA LEU A 257 -24.85 -5.36 0.84
C LEU A 257 -23.87 -4.52 0.01
N GLU A 258 -22.85 -5.19 -0.55
CA GLU A 258 -21.83 -4.54 -1.35
C GLU A 258 -21.75 -5.22 -2.70
N ILE A 259 -21.99 -4.44 -3.77
CA ILE A 259 -21.85 -4.93 -5.13
C ILE A 259 -20.40 -4.71 -5.56
N TYR A 260 -19.59 -5.77 -5.44
CA TYR A 260 -18.17 -5.70 -5.75
C TYR A 260 -17.96 -6.19 -7.18
N HIS A 261 -16.74 -5.97 -7.70
CA HIS A 261 -16.36 -6.44 -9.03
C HIS A 261 -15.16 -7.37 -8.90
N GLY A 262 -15.09 -8.35 -9.81
CA GLY A 262 -14.00 -9.31 -9.85
C GLY A 262 -13.65 -9.68 -11.29
N ALA A 263 -12.41 -10.11 -11.50
CA ALA A 263 -11.92 -10.43 -12.84
C ALA A 263 -11.03 -11.67 -12.79
N ASP A 264 -10.77 -12.24 -13.97
CA ASP A 264 -9.94 -13.42 -14.13
C ASP A 264 -8.65 -13.02 -14.85
N PHE A 265 -7.87 -14.01 -15.29
CA PHE A 265 -6.57 -13.77 -15.90
C PHE A 265 -6.73 -13.37 -17.37
N ASN A 266 -7.94 -13.50 -17.92
CA ASN A 266 -8.26 -13.01 -19.26
C ASN A 266 -8.78 -11.57 -19.20
N HIS A 267 -8.82 -11.00 -17.98
CA HIS A 267 -9.30 -9.64 -17.75
C HIS A 267 -10.79 -9.53 -18.10
N ARG A 268 -11.56 -10.56 -17.73
CA ARG A 268 -12.99 -10.56 -17.91
C ARG A 268 -13.63 -10.20 -16.58
N TYR A 269 -14.24 -8.99 -16.52
CA TYR A 269 -14.79 -8.45 -15.28
C TYR A 269 -16.26 -8.82 -15.15
N CYS A 270 -16.66 -9.22 -13.94
CA CYS A 270 -18.05 -9.47 -13.60
C CYS A 270 -18.37 -8.75 -12.29
N LEU A 271 -19.65 -8.76 -11.90
CA LEU A 271 -20.08 -8.19 -10.63
C LEU A 271 -20.61 -9.29 -9.72
N GLY A 272 -20.38 -9.14 -8.42
CA GLY A 272 -20.85 -10.08 -7.41
C GLY A 272 -21.47 -9.35 -6.21
N ALA A 273 -21.72 -10.09 -5.13
CA ALA A 273 -22.38 -9.54 -3.97
C ALA A 273 -21.70 -10.03 -2.68
N LEU A 274 -21.45 -9.09 -1.77
CA LEU A 274 -20.93 -9.38 -0.44
C LEU A 274 -21.91 -8.88 0.60
N LEU A 275 -22.21 -9.73 1.59
CA LEU A 275 -23.02 -9.35 2.74
C LEU A 275 -22.14 -9.38 3.99
N LEU A 276 -22.18 -8.29 4.76
CA LEU A 276 -21.26 -8.09 5.87
C LEU A 276 -22.05 -7.71 7.13
N ASP A 277 -21.48 -7.98 8.30
CA ASP A 277 -22.12 -7.72 9.57
C ASP A 277 -22.20 -6.21 9.80
N LEU A 278 -23.30 -5.78 10.44
CA LEU A 278 -23.58 -4.37 10.63
C LEU A 278 -22.59 -3.75 11.63
N ASN A 279 -22.33 -4.47 12.72
CA ASN A 279 -21.46 -3.98 13.79
C ASN A 279 -19.99 -4.11 13.37
N ASP A 280 -19.66 -5.21 12.69
CA ASP A 280 -18.30 -5.49 12.27
C ASP A 280 -18.27 -5.71 10.76
N PRO A 281 -18.08 -4.64 9.94
CA PRO A 281 -18.06 -4.79 8.48
C PRO A 281 -16.96 -5.68 7.90
N SER A 282 -15.93 -5.99 8.70
CA SER A 282 -14.84 -6.83 8.26
C SER A 282 -15.26 -8.30 8.19
N LYS A 283 -16.30 -8.67 8.96
CA LYS A 283 -16.74 -10.05 9.03
C LYS A 283 -17.77 -10.30 7.93
N VAL A 284 -17.51 -11.31 7.10
CA VAL A 284 -18.34 -11.62 5.94
C VAL A 284 -19.41 -12.63 6.37
N LEU A 285 -20.67 -12.33 6.02
CA LEU A 285 -21.81 -13.18 6.35
C LEU A 285 -22.12 -14.12 5.19
N ALA A 286 -22.19 -13.57 3.98
CA ALA A 286 -22.45 -14.34 2.78
C ALA A 286 -21.75 -13.70 1.58
N ARG A 287 -21.54 -14.51 0.54
CA ARG A 287 -20.87 -14.06 -0.67
C ARG A 287 -21.40 -14.88 -1.85
N SER A 288 -21.65 -14.21 -2.99
CA SER A 288 -22.21 -14.86 -4.16
C SER A 288 -21.17 -15.79 -4.78
N LYS A 289 -21.57 -17.05 -4.99
CA LYS A 289 -20.70 -18.05 -5.60
C LYS A 289 -20.46 -17.70 -7.06
N GLU A 290 -21.55 -17.44 -7.79
CA GLU A 290 -21.49 -17.04 -9.19
C GLU A 290 -21.80 -15.55 -9.28
N PRO A 291 -21.39 -14.87 -10.37
CA PRO A 291 -21.61 -13.43 -10.49
C PRO A 291 -23.08 -13.08 -10.72
N ILE A 292 -23.50 -11.92 -10.21
CA ILE A 292 -24.88 -11.46 -10.36
C ILE A 292 -25.05 -10.73 -11.69
N MET A 293 -23.93 -10.33 -12.30
CA MET A 293 -23.97 -9.68 -13.61
C MET A 293 -22.69 -10.02 -14.38
N GLU A 294 -22.84 -10.23 -15.69
CA GLU A 294 -21.73 -10.61 -16.56
C GLU A 294 -21.76 -9.75 -17.82
N PRO A 295 -20.63 -9.64 -18.57
CA PRO A 295 -20.61 -8.88 -19.82
C PRO A 295 -21.25 -9.64 -20.98
N ILE A 296 -22.58 -9.64 -21.01
CA ILE A 296 -23.36 -10.41 -21.99
C ILE A 296 -23.60 -9.57 -23.23
N ALA A 297 -24.00 -8.30 -23.02
CA ALA A 297 -24.42 -7.43 -24.12
C ALA A 297 -23.28 -7.21 -25.10
N SER A 298 -23.64 -6.76 -26.32
CA SER A 298 -22.69 -6.56 -27.40
C SER A 298 -21.75 -5.40 -27.09
N TYR A 299 -22.31 -4.32 -26.51
CA TYR A 299 -21.56 -3.11 -26.19
C TYR A 299 -20.67 -3.35 -24.97
N GLU A 300 -20.88 -4.47 -24.27
CA GLU A 300 -20.03 -4.87 -23.16
C GLU A 300 -18.91 -5.79 -23.63
N GLN A 301 -18.81 -5.98 -24.95
CA GLN A 301 -17.82 -6.88 -25.54
C GLN A 301 -17.11 -6.19 -26.70
N THR A 302 -16.95 -4.86 -26.62
CA THR A 302 -16.25 -4.09 -27.64
C THR A 302 -14.95 -3.54 -27.05
N GLY A 303 -14.24 -4.39 -26.31
CA GLY A 303 -13.03 -3.99 -25.61
C GLY A 303 -11.81 -4.12 -26.50
N PHE A 304 -10.64 -3.76 -25.93
CA PHE A 304 -9.36 -3.88 -26.61
C PHE A 304 -8.43 -4.71 -25.72
N PHE A 305 -9.02 -5.62 -24.93
CA PHE A 305 -8.29 -6.53 -24.06
C PHE A 305 -9.25 -7.64 -23.62
N GLY A 306 -10.36 -7.24 -22.98
CA GLY A 306 -11.35 -8.18 -22.48
C GLY A 306 -12.72 -7.53 -22.35
N ASN A 307 -13.68 -8.31 -21.83
CA ASN A 307 -15.04 -7.85 -21.63
C ASN A 307 -15.16 -7.28 -20.22
N VAL A 308 -15.59 -6.02 -20.11
CA VAL A 308 -15.48 -5.28 -18.86
C VAL A 308 -16.84 -4.73 -18.45
N ILE A 309 -17.25 -5.09 -17.22
CA ILE A 309 -18.29 -4.38 -16.49
C ILE A 309 -17.64 -3.77 -15.26
N PHE A 310 -17.90 -2.49 -14.99
CA PHE A 310 -17.29 -1.81 -13.85
C PHE A 310 -18.24 -0.75 -13.32
N THR A 311 -18.66 -0.90 -12.06
CA THR A 311 -19.55 0.04 -11.40
C THR A 311 -18.84 0.64 -10.19
N ASN A 312 -19.03 1.95 -10.00
CA ASN A 312 -18.54 2.65 -8.81
C ASN A 312 -19.53 3.76 -8.44
N GLY A 313 -20.82 3.48 -8.62
CA GLY A 313 -21.86 4.45 -8.33
C GLY A 313 -23.25 3.86 -8.63
N GLN A 314 -24.21 4.17 -7.76
CA GLN A 314 -25.53 3.58 -7.85
C GLN A 314 -26.54 4.37 -7.01
N LEU A 315 -27.82 4.21 -7.35
CA LEU A 315 -28.92 4.75 -6.56
C LEU A 315 -29.77 3.60 -6.05
N VAL A 316 -30.40 3.80 -4.89
CA VAL A 316 -31.27 2.80 -4.29
C VAL A 316 -32.64 3.43 -4.05
N ASP A 317 -33.69 2.75 -4.52
CA ASP A 317 -35.06 3.19 -4.36
C ASP A 317 -35.88 2.01 -3.82
N GLY A 318 -35.81 1.80 -2.50
CA GLY A 318 -36.44 0.67 -1.86
C GLY A 318 -35.75 -0.64 -2.23
N ASP A 319 -36.37 -1.40 -3.14
CA ASP A 319 -35.87 -2.70 -3.54
C ASP A 319 -34.98 -2.56 -4.78
N THR A 320 -35.21 -1.52 -5.59
CA THR A 320 -34.54 -1.36 -6.86
C THR A 320 -33.20 -0.67 -6.68
N ILE A 321 -32.12 -1.34 -7.11
CA ILE A 321 -30.79 -0.75 -7.17
C ILE A 321 -30.53 -0.32 -8.61
N THR A 322 -30.46 0.99 -8.84
CA THR A 322 -30.11 1.54 -10.15
C THR A 322 -28.60 1.77 -10.19
N ILE A 323 -27.89 0.97 -10.99
CA ILE A 323 -26.45 1.09 -11.12
C ILE A 323 -26.11 1.75 -12.46
N TYR A 324 -25.07 2.57 -12.44
CA TYR A 324 -24.44 3.09 -13.65
C TYR A 324 -23.03 2.52 -13.72
N TYR A 325 -22.63 2.05 -14.91
CA TYR A 325 -21.39 1.33 -15.07
C TYR A 325 -20.75 1.63 -16.43
N GLY A 326 -19.44 1.40 -16.52
CA GLY A 326 -18.71 1.50 -17.77
C GLY A 326 -18.68 0.15 -18.49
N ALA A 327 -18.84 0.19 -19.82
CA ALA A 327 -18.86 -1.00 -20.64
C ALA A 327 -17.68 -0.97 -21.62
N SER A 328 -16.78 -1.94 -21.47
CA SER A 328 -15.60 -2.08 -22.33
C SER A 328 -14.67 -0.87 -22.18
N ASP A 329 -14.76 -0.17 -21.05
CA ASP A 329 -13.98 1.02 -20.77
C ASP A 329 -14.09 2.00 -21.94
N GLU A 330 -15.32 2.30 -22.35
CA GLU A 330 -15.55 3.12 -23.53
C GLU A 330 -16.83 3.94 -23.38
N VAL A 331 -17.94 3.27 -23.02
CA VAL A 331 -19.25 3.90 -22.98
C VAL A 331 -19.85 3.78 -21.58
N ILE A 332 -20.80 4.67 -21.29
CA ILE A 332 -21.56 4.66 -20.05
C ILE A 332 -22.84 3.86 -20.27
N CYS A 333 -23.31 3.17 -19.23
CA CYS A 333 -24.51 2.35 -19.31
C CYS A 333 -25.26 2.38 -17.98
N LYS A 334 -26.48 1.85 -18.00
CA LYS A 334 -27.37 1.82 -16.84
C LYS A 334 -28.02 0.44 -16.74
N ALA A 335 -28.33 0.03 -15.51
CA ALA A 335 -29.00 -1.23 -15.26
C ALA A 335 -29.71 -1.20 -13.91
N GLU A 336 -30.59 -2.18 -13.67
CA GLU A 336 -31.37 -2.26 -12.45
C GLU A 336 -31.21 -3.64 -11.82
N LEU A 337 -31.25 -3.68 -10.49
CA LEU A 337 -31.09 -4.90 -9.73
C LEU A 337 -32.06 -4.89 -8.54
N SER A 338 -32.39 -6.09 -8.04
CA SER A 338 -33.31 -6.25 -6.92
C SER A 338 -32.55 -6.68 -5.67
N VAL A 339 -32.75 -5.94 -4.58
CA VAL A 339 -32.14 -6.25 -3.29
C VAL A 339 -32.61 -7.63 -2.85
N LYS A 340 -33.94 -7.81 -2.78
CA LYS A 340 -34.55 -9.03 -2.32
C LYS A 340 -34.00 -10.23 -3.08
N GLU A 341 -33.88 -10.09 -4.41
CA GLU A 341 -33.44 -11.17 -5.28
C GLU A 341 -32.00 -11.57 -4.95
N ILE A 342 -31.15 -10.56 -4.71
CA ILE A 342 -29.74 -10.80 -4.39
C ILE A 342 -29.63 -11.51 -3.05
N LEU A 343 -30.37 -11.02 -2.06
CA LEU A 343 -30.36 -11.60 -0.71
C LEU A 343 -30.86 -13.04 -0.76
N ASN A 344 -31.81 -13.32 -1.66
CA ASN A 344 -32.39 -14.65 -1.82
C ASN A 344 -31.31 -15.63 -2.29
N ILE A 345 -30.45 -15.18 -3.20
CA ILE A 345 -29.39 -16.01 -3.76
C ILE A 345 -28.34 -16.30 -2.69
N LEU A 346 -28.19 -15.40 -1.71
CA LEU A 346 -27.21 -15.56 -0.65
C LEU A 346 -27.84 -16.30 0.54
N ASN A 347 -28.54 -17.41 0.25
CA ASN A 347 -29.14 -18.26 1.28
C ASN A 347 -29.24 -19.69 0.75
N MET B 1 34.92 5.84 1.03
CA MET B 1 33.60 6.51 1.16
C MET B 1 32.89 6.10 2.46
N ASP B 2 33.24 4.93 3.01
CA ASP B 2 32.73 4.47 4.30
C ASP B 2 33.33 5.33 5.41
N ILE B 3 32.46 6.04 6.16
CA ILE B 3 32.85 6.93 7.24
C ILE B 3 32.42 6.35 8.58
N ALA B 4 32.40 5.02 8.67
CA ALA B 4 31.86 4.32 9.84
C ALA B 4 32.97 3.64 10.61
N LYS B 5 32.84 3.64 11.94
CA LYS B 5 33.80 3.03 12.84
C LYS B 5 33.15 1.85 13.55
N ARG B 6 33.47 0.63 13.11
CA ARG B 6 32.92 -0.58 13.68
C ARG B 6 33.51 -0.81 15.08
N CYS B 7 32.70 -1.40 15.96
CA CYS B 7 33.17 -1.93 17.23
C CYS B 7 34.07 -3.12 16.93
N GLU B 8 35.17 -3.25 17.68
CA GLU B 8 36.19 -4.25 17.40
C GLU B 8 35.69 -5.65 17.72
N SER B 9 34.63 -5.75 18.55
CA SER B 9 34.10 -7.03 18.98
C SER B 9 33.09 -7.59 17.97
N ASN B 10 32.65 -6.77 17.02
CA ASN B 10 31.76 -7.23 15.95
C ASN B 10 32.28 -8.57 15.40
N PRO B 11 31.44 -9.63 15.29
CA PRO B 11 30.02 -9.59 15.66
C PRO B 11 29.77 -9.70 17.16
N LEU B 12 28.74 -8.98 17.63
CA LEU B 12 28.35 -9.00 19.03
C LEU B 12 27.59 -10.29 19.34
N LEU B 13 26.44 -10.47 18.68
CA LEU B 13 25.60 -11.64 18.91
C LEU B 13 25.57 -12.49 17.63
N SER B 14 25.41 -13.81 17.82
CA SER B 14 25.26 -14.75 16.72
C SER B 14 24.15 -15.74 17.08
N PRO B 15 23.58 -16.47 16.09
CA PRO B 15 22.54 -17.46 16.37
C PRO B 15 22.87 -18.44 17.50
N LYS B 16 24.12 -18.92 17.51
CA LYS B 16 24.55 -19.96 18.44
C LYS B 16 24.75 -19.41 19.85
N ASP B 17 24.79 -18.08 20.00
CA ASP B 17 25.03 -17.46 21.29
C ASP B 17 23.78 -17.46 22.17
N LEU B 18 22.60 -17.70 21.57
CA LEU B 18 21.35 -17.70 22.30
C LEU B 18 20.63 -19.03 22.13
N LYS B 19 19.74 -19.33 23.09
CA LYS B 19 18.93 -20.54 23.09
C LYS B 19 17.61 -20.24 22.37
N ALA B 20 17.06 -21.27 21.70
CA ALA B 20 15.88 -21.11 20.87
C ALA B 20 14.67 -20.74 21.71
N GLY B 21 13.75 -19.98 21.10
CA GLY B 21 12.52 -19.54 21.76
C GLY B 21 11.33 -20.42 21.44
N ILE B 22 11.31 -20.98 20.22
CA ILE B 22 10.24 -21.86 19.77
C ILE B 22 10.72 -23.30 19.91
N ASN B 23 9.79 -24.20 20.25
CA ASN B 23 10.11 -25.59 20.55
C ASN B 23 10.48 -26.32 19.27
N ASP B 24 11.58 -27.10 19.33
CA ASP B 24 12.05 -27.94 18.24
C ASP B 24 12.42 -27.08 17.03
N MET B 25 13.11 -25.97 17.29
CA MET B 25 13.53 -25.06 16.24
C MET B 25 14.96 -24.58 16.53
N GLU B 26 15.74 -24.38 15.46
CA GLU B 26 17.04 -23.74 15.57
C GLU B 26 16.88 -22.24 15.33
N ILE B 27 17.86 -21.47 15.80
CA ILE B 27 17.97 -20.06 15.46
C ILE B 27 18.79 -19.95 14.18
N THR B 28 18.22 -19.29 13.16
CA THR B 28 18.87 -19.16 11.88
C THR B 28 19.55 -17.80 11.77
N CYS B 29 18.82 -16.74 12.14
CA CYS B 29 19.30 -15.37 11.96
C CYS B 29 18.97 -14.52 13.18
N LEU B 30 19.96 -13.71 13.59
CA LEU B 30 19.75 -12.58 14.48
C LEU B 30 20.08 -11.32 13.69
N LEU B 31 19.09 -10.41 13.56
CA LEU B 31 19.22 -9.28 12.65
C LEU B 31 18.33 -8.13 13.08
N ASN B 32 18.65 -6.93 12.55
CA ASN B 32 17.74 -5.82 12.46
C ASN B 32 17.11 -5.49 13.81
N PRO B 33 17.93 -5.08 14.82
CA PRO B 33 17.41 -4.80 16.15
C PRO B 33 16.95 -3.35 16.35
N GLY B 34 15.90 -3.18 17.16
CA GLY B 34 15.56 -1.87 17.70
C GLY B 34 16.45 -1.56 18.91
N VAL B 35 16.66 -0.27 19.17
CA VAL B 35 17.59 0.16 20.21
C VAL B 35 16.92 1.23 21.07
N PHE B 36 17.11 1.11 22.39
CA PHE B 36 16.57 2.07 23.36
C PHE B 36 17.31 1.90 24.68
N LYS B 37 17.12 2.88 25.58
CA LYS B 37 17.69 2.83 26.92
C LYS B 37 16.56 2.69 27.94
N PHE B 38 16.79 1.88 28.98
CA PHE B 38 15.79 1.60 30.00
C PHE B 38 16.48 0.97 31.20
N LYS B 39 16.15 1.47 32.42
CA LYS B 39 16.72 0.98 33.66
C LYS B 39 18.23 1.16 33.68
N GLY B 40 18.74 2.19 32.99
CA GLY B 40 20.17 2.42 32.89
C GLY B 40 20.82 1.56 31.80
N LYS B 41 20.31 0.34 31.62
CA LYS B 41 20.82 -0.59 30.62
C LYS B 41 20.53 -0.07 29.21
N THR B 42 21.34 -0.52 28.25
CA THR B 42 21.06 -0.35 26.83
C THR B 42 20.42 -1.63 26.31
N TRP B 43 19.24 -1.50 25.69
CA TRP B 43 18.45 -2.64 25.28
C TRP B 43 18.46 -2.79 23.76
N LEU B 44 18.44 -4.05 23.32
CA LEU B 44 18.27 -4.40 21.91
C LEU B 44 16.99 -5.22 21.77
N LEU B 45 16.15 -4.85 20.80
CA LEU B 45 14.94 -5.59 20.46
C LEU B 45 15.24 -6.40 19.19
N LEU B 46 15.79 -7.61 19.39
CA LEU B 46 16.28 -8.43 18.30
C LEU B 46 15.13 -8.98 17.48
N ARG B 47 15.36 -9.10 16.16
CA ARG B 47 14.56 -9.98 15.32
C ARG B 47 15.25 -11.35 15.30
N VAL B 48 14.50 -12.39 15.66
CA VAL B 48 15.03 -13.75 15.74
C VAL B 48 14.26 -14.64 14.78
N ALA B 49 14.95 -15.11 13.73
CA ALA B 49 14.35 -16.00 12.75
C ALA B 49 14.70 -17.45 13.08
N GLU B 50 13.66 -18.30 13.18
CA GLU B 50 13.85 -19.70 13.53
C GLU B 50 13.14 -20.61 12.53
N ARG B 51 13.69 -21.82 12.38
CA ARG B 51 13.08 -22.86 11.58
C ARG B 51 13.63 -24.22 12.04
N PRO B 52 13.02 -25.36 11.63
CA PRO B 52 13.58 -26.68 11.96
C PRO B 52 14.97 -26.90 11.39
N VAL B 53 15.58 -28.03 11.77
CA VAL B 53 16.83 -28.48 11.17
C VAL B 53 16.53 -28.89 9.73
N GLN B 54 17.32 -28.36 8.78
CA GLN B 54 17.04 -28.57 7.37
C GLN B 54 17.60 -29.92 6.93
N GLN B 55 16.73 -30.73 6.33
CA GLN B 55 17.11 -31.97 5.69
C GLN B 55 17.60 -31.67 4.28
N GLU B 56 18.50 -32.53 3.75
CA GLU B 56 19.07 -32.36 2.43
C GLU B 56 17.95 -32.50 1.38
N GLY B 57 17.81 -31.47 0.55
CA GLY B 57 16.91 -31.50 -0.59
C GLY B 57 15.47 -31.13 -0.20
N ILE B 58 15.28 -30.63 1.03
CA ILE B 58 13.96 -30.27 1.52
C ILE B 58 14.05 -28.89 2.16
N ILE B 59 13.13 -27.99 1.76
CA ILE B 59 12.91 -26.73 2.44
C ILE B 59 11.76 -26.93 3.41
N SER B 60 12.02 -26.75 4.71
CA SER B 60 10.99 -26.87 5.74
C SER B 60 11.00 -25.62 6.62
N PHE B 61 9.81 -25.18 7.03
CA PHE B 61 9.64 -23.94 7.78
C PHE B 61 8.38 -24.00 8.63
N PRO B 62 8.29 -23.21 9.73
CA PRO B 62 7.09 -23.19 10.57
C PRO B 62 6.03 -22.17 10.16
N ILE B 63 4.75 -22.56 10.33
CA ILE B 63 3.61 -21.69 10.16
C ILE B 63 2.51 -22.09 11.14
N TYR B 64 1.68 -21.12 11.54
CA TYR B 64 0.54 -21.38 12.42
C TYR B 64 -0.57 -22.02 11.59
N ASP B 65 -1.24 -23.03 12.16
CA ASP B 65 -2.31 -23.73 11.48
C ASP B 65 -3.64 -23.09 11.89
N GLU B 66 -4.76 -23.78 11.61
CA GLU B 66 -6.09 -23.25 11.88
C GLU B 66 -6.34 -23.18 13.38
N GLN B 67 -5.81 -24.16 14.14
CA GLN B 67 -5.98 -24.20 15.58
C GLN B 67 -5.14 -23.11 16.26
N GLY B 68 -4.06 -22.69 15.59
CA GLY B 68 -3.19 -21.65 16.11
C GLY B 68 -1.90 -22.23 16.70
N GLN B 69 -1.57 -23.47 16.34
CA GLN B 69 -0.39 -24.16 16.82
C GLN B 69 0.62 -24.24 15.68
N ILE B 70 1.91 -24.17 16.02
CA ILE B 70 2.97 -24.14 15.01
C ILE B 70 3.08 -25.51 14.34
N LYS B 71 3.26 -25.49 13.02
CA LYS B 71 3.28 -26.68 12.18
C LYS B 71 4.43 -26.53 11.18
N VAL B 72 4.88 -27.65 10.61
CA VAL B 72 6.00 -27.66 9.69
C VAL B 72 5.49 -27.94 8.27
N MET B 73 5.65 -26.95 7.38
CA MET B 73 5.45 -27.12 5.95
C MET B 73 6.74 -27.61 5.32
N SER B 74 6.63 -28.46 4.28
CA SER B 74 7.80 -29.03 3.63
C SER B 74 7.61 -29.04 2.11
N PHE B 75 8.68 -28.66 1.40
CA PHE B 75 8.70 -28.69 -0.06
C PHE B 75 10.03 -29.30 -0.51
N ALA B 76 9.98 -30.07 -1.60
CA ALA B 76 11.18 -30.66 -2.19
C ALA B 76 11.82 -29.64 -3.13
N GLU B 77 13.15 -29.50 -3.05
CA GLU B 77 13.89 -28.49 -3.78
C GLU B 77 13.80 -28.72 -5.29
N ASN B 78 13.57 -29.96 -5.72
CA ASN B 78 13.53 -30.31 -7.13
C ASN B 78 12.09 -30.33 -7.64
N ASP B 79 11.14 -29.85 -6.83
CA ASP B 79 9.74 -29.79 -7.22
C ASP B 79 9.59 -28.71 -8.30
N PRO B 80 8.96 -29.01 -9.46
CA PRO B 80 8.79 -28.00 -10.51
C PRO B 80 7.86 -26.85 -10.16
N ASP B 81 6.94 -27.09 -9.22
CA ASP B 81 5.98 -26.08 -8.77
C ASP B 81 6.61 -25.15 -7.73
N LEU B 82 7.84 -25.45 -7.28
CA LEU B 82 8.52 -24.64 -6.28
C LEU B 82 9.37 -23.58 -6.96
N ASP B 83 9.37 -22.36 -6.41
CA ASP B 83 10.28 -21.30 -6.80
C ASP B 83 11.03 -20.82 -5.55
N ALA B 84 12.31 -21.21 -5.46
CA ALA B 84 13.13 -20.89 -4.30
C ALA B 84 14.38 -20.13 -4.74
N SER B 85 14.24 -19.29 -5.78
CA SER B 85 15.32 -18.45 -6.26
C SER B 85 15.73 -17.47 -5.16
N ASP B 86 14.73 -16.84 -4.54
CA ASP B 86 14.93 -16.04 -3.34
C ASP B 86 14.81 -16.96 -2.12
N PRO B 87 15.88 -17.11 -1.29
CA PRO B 87 15.82 -17.97 -0.10
C PRO B 87 14.98 -17.43 1.06
N ARG B 88 14.68 -16.12 1.05
CA ARG B 88 13.89 -15.49 2.09
C ARG B 88 12.40 -15.78 1.85
N VAL B 89 11.94 -15.50 0.63
CA VAL B 89 10.54 -15.68 0.27
C VAL B 89 10.48 -16.68 -0.89
N ILE B 90 9.60 -17.68 -0.74
CA ILE B 90 9.44 -18.70 -1.76
C ILE B 90 8.01 -18.68 -2.27
N GLY B 91 7.81 -19.26 -3.46
CA GLY B 91 6.49 -19.42 -4.05
C GLY B 91 6.21 -20.89 -4.35
N TYR B 92 4.94 -21.29 -4.20
CA TYR B 92 4.51 -22.63 -4.50
C TYR B 92 3.06 -22.60 -4.96
N LYS B 93 2.86 -22.83 -6.28
CA LYS B 93 1.55 -22.83 -6.90
C LYS B 93 0.85 -21.50 -6.64
N GLY B 94 1.57 -20.39 -6.87
CA GLY B 94 1.01 -19.06 -6.76
C GLY B 94 1.24 -18.44 -5.37
N LYS B 95 0.87 -19.18 -4.33
CA LYS B 95 0.93 -18.69 -2.95
C LYS B 95 2.39 -18.55 -2.51
N ASN B 96 2.65 -17.58 -1.63
CA ASN B 96 3.98 -17.27 -1.15
C ASN B 96 4.13 -17.71 0.30
N TYR B 97 5.37 -17.96 0.72
CA TYR B 97 5.69 -18.39 2.07
C TYR B 97 7.07 -17.87 2.47
N LEU B 98 7.25 -17.64 3.78
CA LEU B 98 8.57 -17.34 4.34
C LEU B 98 9.26 -18.66 4.70
N THR B 99 10.60 -18.63 4.69
CA THR B 99 11.40 -19.81 4.99
C THR B 99 11.75 -19.86 6.48
N THR B 100 11.45 -18.77 7.22
CA THR B 100 11.60 -18.77 8.67
C THR B 100 10.41 -18.02 9.27
N MET B 101 10.30 -18.09 10.61
CA MET B 101 9.36 -17.29 11.36
C MET B 101 10.14 -16.42 12.34
N SER B 102 9.85 -15.10 12.31
CA SER B 102 10.56 -14.14 13.15
C SER B 102 9.71 -13.76 14.35
N TYR B 103 10.38 -13.36 15.44
CA TYR B 103 9.73 -12.79 16.60
C TYR B 103 10.69 -11.80 17.25
N LEU B 104 10.19 -11.00 18.19
CA LEU B 104 10.97 -9.94 18.82
C LEU B 104 11.41 -10.40 20.20
N ARG B 105 12.68 -10.15 20.53
CA ARG B 105 13.30 -10.64 21.75
C ARG B 105 14.18 -9.55 22.37
N LEU B 106 14.10 -9.42 23.70
CA LEU B 106 14.78 -8.37 24.43
C LEU B 106 16.10 -8.89 24.99
N VAL B 107 17.15 -8.06 24.89
CA VAL B 107 18.44 -8.33 25.51
C VAL B 107 19.01 -7.01 26.04
N SER B 108 19.55 -7.04 27.26
CA SER B 108 20.06 -5.85 27.93
C SER B 108 21.58 -5.91 28.02
N SER B 109 22.20 -4.76 28.32
CA SER B 109 23.64 -4.66 28.45
C SER B 109 24.02 -3.40 29.23
N GLU B 110 24.94 -3.56 30.19
CA GLU B 110 25.48 -2.45 30.96
C GLU B 110 26.45 -1.64 30.08
N ASP B 111 27.41 -2.35 29.49
CA ASP B 111 28.48 -1.74 28.71
C ASP B 111 27.97 -1.35 27.33
N GLY B 112 27.11 -2.18 26.74
CA GLY B 112 26.58 -1.96 25.41
C GLY B 112 27.36 -2.73 24.35
N ILE B 113 27.84 -3.92 24.73
CA ILE B 113 28.61 -4.79 23.85
C ILE B 113 28.31 -6.25 24.20
N HIS B 114 28.28 -6.58 25.50
CA HIS B 114 27.89 -7.90 25.96
C HIS B 114 26.42 -7.89 26.34
N PHE B 115 25.59 -8.60 25.55
CA PHE B 115 24.15 -8.62 25.73
C PHE B 115 23.71 -10.00 26.21
N HIS B 116 22.71 -10.02 27.11
CA HIS B 116 22.13 -11.24 27.63
C HIS B 116 20.63 -11.05 27.86
N ASP B 117 19.91 -12.16 28.03
CA ASP B 117 18.48 -12.14 28.32
C ASP B 117 18.25 -11.60 29.73
N GLU B 118 17.04 -11.08 29.96
CA GLU B 118 16.63 -10.58 31.27
C GLU B 118 15.41 -11.35 31.74
N PRO B 119 15.49 -12.09 32.87
CA PRO B 119 14.32 -12.74 33.45
C PRO B 119 13.19 -11.75 33.74
N GLY B 120 11.96 -12.13 33.36
CA GLY B 120 10.79 -11.30 33.58
C GLY B 120 10.42 -10.47 32.34
N TYR B 121 11.29 -10.52 31.31
CA TYR B 121 11.08 -9.78 30.08
C TYR B 121 10.99 -10.76 28.91
N PRO B 122 9.88 -11.49 28.74
CA PRO B 122 9.77 -12.51 27.70
C PRO B 122 9.68 -11.93 26.29
N PRO B 123 9.86 -12.74 25.23
CA PRO B 123 9.80 -12.26 23.85
C PRO B 123 8.38 -11.92 23.41
N ILE B 124 8.27 -11.18 22.30
CA ILE B 124 6.99 -10.81 21.71
C ILE B 124 6.79 -11.65 20.45
N PHE B 125 5.74 -12.47 20.44
CA PHE B 125 5.41 -13.32 19.30
C PHE B 125 4.22 -12.72 18.56
N GLY B 126 4.02 -13.19 17.32
CA GLY B 126 2.91 -12.72 16.49
C GLY B 126 1.57 -13.24 17.00
N LYS B 127 0.54 -12.40 16.87
CA LYS B 127 -0.82 -12.75 17.27
C LYS B 127 -1.77 -12.33 16.17
N GLY B 128 -2.78 -13.18 15.91
CA GLY B 128 -3.81 -12.88 14.92
C GLY B 128 -3.41 -13.29 13.52
N GLU B 129 -4.36 -13.19 12.59
CA GLU B 129 -4.19 -13.64 11.22
C GLU B 129 -3.06 -12.87 10.53
N LEU B 130 -2.97 -11.57 10.82
CA LEU B 130 -2.08 -10.67 10.08
C LEU B 130 -0.63 -10.82 10.52
N GLU B 131 -0.38 -11.54 11.64
CA GLU B 131 0.96 -11.80 12.10
C GLU B 131 1.27 -13.30 12.07
N ALA B 132 0.62 -14.02 11.14
CA ALA B 132 0.70 -15.48 11.10
C ALA B 132 2.08 -15.95 10.64
N PHE B 133 2.78 -15.13 9.84
CA PHE B 133 4.10 -15.46 9.35
C PHE B 133 5.18 -14.75 10.15
N GLY B 134 4.79 -14.10 11.26
CA GLY B 134 5.73 -13.52 12.21
C GLY B 134 5.79 -12.00 12.11
N ILE B 135 6.68 -11.41 12.91
CA ILE B 135 6.87 -9.97 12.97
C ILE B 135 8.36 -9.69 12.90
N GLU B 136 8.73 -8.56 12.27
CA GLU B 136 10.09 -8.31 11.85
C GLU B 136 10.47 -6.84 12.01
N ASP B 137 11.78 -6.59 12.17
CA ASP B 137 12.40 -5.29 11.93
C ASP B 137 11.67 -4.19 12.70
N CYS B 138 11.75 -4.24 14.04
CA CYS B 138 11.02 -3.31 14.88
C CYS B 138 11.85 -2.05 15.15
N ARG B 139 11.29 -0.88 14.84
CA ARG B 139 11.83 0.39 15.26
C ARG B 139 11.23 0.75 16.61
N VAL B 140 12.07 1.23 17.54
CA VAL B 140 11.61 1.69 18.84
C VAL B 140 11.77 3.20 18.89
N ALA B 141 10.67 3.90 19.21
CA ALA B 141 10.67 5.34 19.38
C ALA B 141 10.48 5.67 20.86
N SER B 142 11.53 6.25 21.47
CA SER B 142 11.45 6.73 22.84
C SER B 142 10.85 8.13 22.86
N THR B 143 9.69 8.27 23.51
CA THR B 143 8.96 9.53 23.53
C THR B 143 8.64 9.91 24.98
N LYS B 144 7.97 11.05 25.15
CA LYS B 144 7.56 11.53 26.47
C LYS B 144 6.53 10.58 27.07
N ASP B 145 5.65 10.03 26.22
CA ASP B 145 4.52 9.23 26.65
C ASP B 145 4.90 7.75 26.77
N GLY B 146 6.09 7.39 26.30
CA GLY B 146 6.63 6.05 26.48
C GLY B 146 7.37 5.55 25.24
N PHE B 147 7.28 4.23 25.02
CA PHE B 147 7.98 3.57 23.92
C PHE B 147 6.96 3.08 22.89
N TYR B 148 7.14 3.48 21.62
CA TYR B 148 6.27 3.07 20.55
C TYR B 148 7.03 2.15 19.59
N LEU B 149 6.43 1.00 19.29
CA LEU B 149 7.02 -0.02 18.44
C LEU B 149 6.34 0.00 17.07
N THR B 150 7.13 0.10 16.00
CA THR B 150 6.60 0.00 14.65
C THR B 150 7.38 -1.07 13.89
N PHE B 151 6.66 -2.11 13.43
CA PHE B 151 7.27 -3.33 12.93
C PHE B 151 6.45 -3.88 11.76
N THR B 152 7.04 -4.83 11.05
CA THR B 152 6.38 -5.50 9.93
C THR B 152 5.49 -6.61 10.47
N GLU B 153 4.25 -6.66 9.97
CA GLU B 153 3.34 -7.77 10.22
C GLU B 153 3.20 -8.58 8.94
N VAL B 154 3.66 -9.84 8.95
CA VAL B 154 3.66 -10.67 7.76
C VAL B 154 2.60 -11.74 7.90
N SER B 155 1.91 -12.01 6.79
CA SER B 155 0.99 -13.14 6.67
C SER B 155 0.81 -13.47 5.19
N SER B 156 -0.04 -14.45 4.89
CA SER B 156 -0.27 -14.88 3.52
C SER B 156 -1.00 -13.81 2.71
N VAL B 157 -1.64 -12.85 3.40
CA VAL B 157 -2.47 -11.87 2.73
C VAL B 157 -1.83 -10.49 2.72
N ALA B 158 -0.77 -10.25 3.51
CA ALA B 158 -0.23 -8.91 3.64
C ALA B 158 1.16 -8.90 4.29
N VAL B 159 2.03 -8.04 3.73
CA VAL B 159 3.17 -7.48 4.43
C VAL B 159 2.81 -6.04 4.78
N GLY B 160 2.52 -5.79 6.07
CA GLY B 160 2.02 -4.50 6.53
C GLY B 160 2.74 -4.04 7.79
N VAL B 161 2.26 -2.93 8.37
CA VAL B 161 2.90 -2.30 9.51
C VAL B 161 1.93 -2.28 10.69
N GLY B 162 2.37 -2.81 11.83
CA GLY B 162 1.63 -2.73 13.08
C GLY B 162 2.36 -1.86 14.10
N MET B 163 1.64 -1.42 15.13
CA MET B 163 2.22 -0.58 16.16
C MET B 163 1.78 -1.05 17.55
N MET B 164 2.73 -1.04 18.49
CA MET B 164 2.47 -1.34 19.89
C MET B 164 3.04 -0.23 20.77
N HIS B 165 2.59 -0.19 22.03
CA HIS B 165 3.05 0.79 23.00
C HIS B 165 3.30 0.11 24.34
N THR B 166 4.34 0.58 25.05
CA THR B 166 4.70 0.01 26.34
C THR B 166 5.44 1.06 27.17
N ASN B 167 5.31 0.94 28.50
CA ASN B 167 6.03 1.78 29.44
C ASN B 167 7.10 0.95 30.16
N ASP B 168 6.77 -0.30 30.53
CA ASP B 168 7.63 -1.12 31.35
C ASP B 168 8.25 -2.27 30.55
N TRP B 169 7.82 -2.44 29.28
CA TRP B 169 8.26 -3.52 28.43
C TRP B 169 7.82 -4.88 28.97
N LYS B 170 6.63 -4.91 29.59
CA LYS B 170 6.03 -6.15 30.08
C LYS B 170 4.57 -6.19 29.65
N THR B 171 3.84 -5.11 29.94
CA THR B 171 2.52 -4.90 29.38
C THR B 171 2.67 -4.23 28.01
N PHE B 172 1.73 -4.53 27.10
CA PHE B 172 1.74 -3.97 25.76
C PHE B 172 0.31 -3.63 25.34
N GLU B 173 0.17 -2.55 24.56
CA GLU B 173 -1.09 -2.18 23.94
C GLU B 173 -0.89 -2.22 22.43
N HIS B 174 -1.81 -2.90 21.72
CA HIS B 174 -1.68 -3.13 20.29
C HIS B 174 -2.66 -2.23 19.56
N TYR B 175 -2.16 -1.43 18.61
CA TYR B 175 -2.99 -0.49 17.87
C TYR B 175 -3.44 -1.11 16.54
N GLY B 176 -2.98 -2.34 16.26
CA GLY B 176 -3.37 -3.04 15.05
C GLY B 176 -2.49 -2.64 13.86
N MET B 177 -2.92 -3.01 12.65
CA MET B 177 -2.19 -2.66 11.44
C MET B 177 -2.50 -1.20 11.09
N ILE B 178 -1.48 -0.34 11.22
CA ILE B 178 -1.65 1.10 11.06
C ILE B 178 -1.51 1.50 9.59
N LEU B 179 -0.68 0.75 8.84
CA LEU B 179 -0.50 0.99 7.41
C LEU B 179 -0.76 -0.32 6.67
N PRO B 180 -1.52 -0.30 5.55
CA PRO B 180 -1.90 -1.51 4.84
C PRO B 180 -0.74 -2.05 4.01
N PRO B 181 -0.85 -3.26 3.43
CA PRO B 181 0.18 -3.76 2.52
C PRO B 181 0.21 -2.96 1.23
N HIS B 182 1.31 -3.03 0.46
CA HIS B 182 2.54 -3.70 0.83
C HIS B 182 3.51 -2.66 1.38
N ASN B 183 3.74 -2.69 2.70
CA ASN B 183 4.41 -1.59 3.38
C ASN B 183 5.28 -2.13 4.50
N LYS B 184 6.42 -1.45 4.74
CA LYS B 184 7.30 -1.74 5.86
C LYS B 184 8.22 -0.54 6.10
N ASP B 185 9.26 -0.74 6.92
CA ASP B 185 10.28 0.27 7.19
C ASP B 185 9.63 1.53 7.76
N CYS B 186 8.89 1.36 8.85
CA CYS B 186 8.14 2.44 9.46
C CYS B 186 8.94 3.05 10.61
N ALA B 187 9.39 4.30 10.41
CA ALA B 187 10.16 5.02 11.41
C ALA B 187 9.35 6.19 11.95
N LEU B 188 8.80 6.01 13.16
CA LEU B 188 8.03 7.04 13.82
C LEU B 188 8.96 8.13 14.37
N PHE B 189 8.57 9.40 14.19
CA PHE B 189 9.33 10.52 14.73
C PHE B 189 9.12 10.56 16.25
N GLU B 190 10.19 10.88 16.97
CA GLU B 190 10.21 10.73 18.42
C GLU B 190 9.58 11.93 19.12
N GLU B 191 9.26 12.99 18.36
CA GLU B 191 8.55 14.14 18.90
C GLU B 191 7.59 14.69 17.84
N LYS B 192 6.62 15.49 18.31
CA LYS B 192 5.57 16.04 17.46
C LYS B 192 6.10 17.25 16.70
N ILE B 193 5.44 17.57 15.58
CA ILE B 193 5.76 18.73 14.76
C ILE B 193 4.45 19.43 14.40
N ASN B 194 4.31 20.68 14.86
CA ASN B 194 3.09 21.46 14.66
C ASN B 194 1.88 20.71 15.22
N ASP B 195 2.08 20.09 16.38
CA ASP B 195 1.02 19.37 17.09
C ASP B 195 0.50 18.21 16.23
N LYS B 196 1.42 17.51 15.56
CA LYS B 196 1.08 16.36 14.74
C LYS B 196 2.21 15.33 14.82
N TYR B 197 1.84 14.04 14.75
CA TYR B 197 2.80 12.96 14.70
C TYR B 197 3.18 12.68 13.26
N TYR B 198 4.45 12.33 13.03
CA TYR B 198 4.96 12.05 11.69
C TYR B 198 5.72 10.72 11.70
N THR B 199 5.67 10.00 10.57
CA THR B 199 6.42 8.77 10.39
C THR B 199 6.84 8.63 8.94
N PHE B 200 8.03 8.05 8.71
CA PHE B 200 8.39 7.53 7.41
C PHE B 200 7.76 6.16 7.24
N HIS B 201 7.54 5.76 5.99
CA HIS B 201 7.11 4.41 5.64
C HIS B 201 7.53 4.13 4.20
N ARG B 202 7.39 2.86 3.77
CA ARG B 202 7.94 2.43 2.50
C ARG B 202 6.97 1.47 1.82
N PRO B 203 5.92 1.98 1.14
CA PRO B 203 5.04 1.13 0.34
C PRO B 203 5.73 0.66 -0.93
N SER B 204 5.29 -0.49 -1.46
CA SER B 204 5.85 -1.08 -2.66
C SER B 204 4.78 -1.20 -3.73
N SER B 205 5.04 -0.62 -4.91
CA SER B 205 4.10 -0.62 -6.02
C SER B 205 4.46 -1.72 -7.02
N PRO B 206 3.51 -2.60 -7.40
CA PRO B 206 3.73 -3.55 -8.49
C PRO B 206 4.04 -2.86 -9.82
N GLU B 207 3.34 -1.75 -10.09
CA GLU B 207 3.58 -0.92 -11.26
C GLU B 207 3.24 0.52 -10.91
N LEU B 208 3.64 1.45 -11.79
CA LEU B 208 3.38 2.87 -11.61
C LEU B 208 3.94 3.32 -10.25
N GLY B 209 5.25 3.15 -10.09
CA GLY B 209 5.94 3.48 -8.85
C GLY B 209 7.09 2.52 -8.60
N GLY B 210 7.48 2.37 -7.31
CA GLY B 210 8.57 1.49 -6.92
C GLY B 210 8.63 1.34 -5.41
N ASN B 211 9.86 1.30 -4.88
CA ASN B 211 10.09 1.17 -3.44
C ASN B 211 10.70 2.47 -2.93
N TYR B 212 9.84 3.47 -2.68
CA TYR B 212 10.27 4.81 -2.30
C TYR B 212 9.94 5.05 -0.83
N ILE B 213 10.58 6.07 -0.25
CA ILE B 213 10.33 6.49 1.13
C ILE B 213 9.20 7.52 1.12
N TRP B 214 8.22 7.32 2.01
CA TRP B 214 7.05 8.17 2.09
C TRP B 214 6.91 8.75 3.49
N LEU B 215 6.07 9.79 3.61
CA LEU B 215 5.77 10.44 4.87
C LEU B 215 4.27 10.36 5.12
N ALA B 216 3.88 10.27 6.40
CA ALA B 216 2.49 10.27 6.80
C ALA B 216 2.34 11.02 8.12
N GLU B 217 1.19 11.65 8.33
CA GLU B 217 0.91 12.40 9.55
C GLU B 217 -0.29 11.78 10.27
N SER B 218 -0.38 12.05 11.58
CA SER B 218 -1.42 11.47 12.42
C SER B 218 -1.71 12.38 13.61
N PRO B 219 -2.98 12.49 14.03
CA PRO B 219 -3.32 13.16 15.29
C PRO B 219 -3.26 12.28 16.53
N ASP B 220 -3.67 11.00 16.40
CA ASP B 220 -3.84 10.11 17.53
C ASP B 220 -2.87 8.94 17.49
N LEU B 221 -2.10 8.82 16.38
CA LEU B 221 -1.01 7.88 16.27
C LEU B 221 -1.51 6.50 15.81
N ARG B 222 -2.83 6.28 15.87
CA ARG B 222 -3.45 5.05 15.39
C ARG B 222 -3.86 5.18 13.93
N HIS B 223 -4.32 6.38 13.55
CA HIS B 223 -4.83 6.64 12.20
C HIS B 223 -3.88 7.58 11.47
N TRP B 224 -3.58 7.27 10.20
CA TRP B 224 -2.59 7.99 9.43
C TRP B 224 -3.17 8.45 8.09
N GLY B 225 -2.62 9.54 7.55
CA GLY B 225 -3.11 10.11 6.30
C GLY B 225 -2.21 11.24 5.78
N ASN B 226 -2.68 11.89 4.70
CA ASN B 226 -1.98 12.98 4.04
C ASN B 226 -0.60 12.50 3.61
N HIS B 227 -0.57 11.44 2.80
CA HIS B 227 0.67 10.79 2.40
C HIS B 227 1.42 11.68 1.40
N LYS B 228 2.75 11.61 1.46
CA LYS B 228 3.62 12.38 0.56
C LYS B 228 4.88 11.58 0.26
N CYS B 229 5.26 11.56 -1.01
CA CYS B 229 6.48 10.89 -1.46
C CYS B 229 7.69 11.77 -1.13
N VAL B 230 8.63 11.21 -0.34
CA VAL B 230 9.77 11.97 0.17
C VAL B 230 10.94 11.84 -0.79
N ALA B 231 11.42 10.60 -0.97
CA ALA B 231 12.60 10.33 -1.77
C ALA B 231 12.45 8.99 -2.48
N THR B 232 12.77 8.98 -3.78
CA THR B 232 12.66 7.78 -4.60
C THR B 232 14.04 7.14 -4.75
N THR B 233 14.09 6.04 -5.52
CA THR B 233 15.35 5.45 -5.93
C THR B 233 15.94 6.30 -7.05
N ARG B 234 17.22 6.04 -7.37
CA ARG B 234 17.95 6.80 -8.38
C ARG B 234 18.60 5.84 -9.36
N ASP B 235 18.22 5.96 -10.64
CA ASP B 235 18.71 5.07 -11.68
C ASP B 235 20.21 5.30 -11.87
N GLY B 236 20.98 4.20 -11.88
CA GLY B 236 22.42 4.26 -12.07
C GLY B 236 23.18 4.24 -10.74
N PHE B 237 22.53 4.72 -9.67
CA PHE B 237 23.15 4.85 -8.37
C PHE B 237 23.14 3.53 -7.63
N TRP B 238 23.76 3.53 -6.44
CA TRP B 238 23.81 2.38 -5.55
C TRP B 238 22.43 2.05 -4.97
N ASP B 239 21.53 3.04 -4.96
CA ASP B 239 20.19 2.87 -4.42
C ASP B 239 19.16 2.94 -5.55
N CYS B 240 19.32 2.06 -6.55
CA CYS B 240 18.49 2.08 -7.75
C CYS B 240 17.29 1.14 -7.59
N ALA B 241 17.44 0.09 -6.79
CA ALA B 241 16.42 -0.94 -6.65
C ALA B 241 15.38 -0.55 -5.59
N ARG B 242 15.85 -0.09 -4.44
CA ARG B 242 14.95 0.20 -3.32
C ARG B 242 15.62 1.13 -2.33
N VAL B 243 14.80 1.93 -1.63
CA VAL B 243 15.24 2.76 -0.53
C VAL B 243 14.26 2.59 0.61
N GLY B 244 14.73 2.82 1.85
CA GLY B 244 13.88 2.72 3.03
C GLY B 244 14.53 3.38 4.24
N ALA B 245 13.68 3.93 5.12
CA ALA B 245 14.14 4.58 6.33
C ALA B 245 14.61 3.52 7.34
N GLY B 246 15.52 3.93 8.23
CA GLY B 246 15.99 3.08 9.30
C GLY B 246 15.28 3.42 10.62
N ALA B 247 16.03 4.00 11.56
CA ALA B 247 15.49 4.44 12.83
C ALA B 247 14.85 5.81 12.67
N ALA B 248 14.33 6.36 13.78
CA ALA B 248 13.75 7.69 13.78
C ALA B 248 14.81 8.72 13.38
N PRO B 249 14.41 9.86 12.78
CA PRO B 249 15.37 10.89 12.39
C PRO B 249 15.93 11.66 13.58
N ILE B 250 17.14 12.20 13.42
CA ILE B 250 17.83 12.93 14.47
C ILE B 250 17.56 14.42 14.28
N LYS B 251 17.18 15.08 15.38
CA LYS B 251 16.92 16.51 15.39
C LYS B 251 18.25 17.26 15.41
N THR B 252 18.49 18.10 14.38
CA THR B 252 19.67 18.94 14.31
C THR B 252 19.25 20.36 13.93
N GLU B 253 20.24 21.28 13.93
CA GLU B 253 20.01 22.66 13.55
C GLU B 253 19.81 22.76 12.04
N ALA B 254 20.45 21.86 11.29
CA ALA B 254 20.34 21.84 9.83
C ALA B 254 18.97 21.30 9.41
N GLY B 255 18.50 20.25 10.10
CA GLY B 255 17.21 19.65 9.81
C GLY B 255 17.07 18.27 10.46
N TRP B 256 16.20 17.43 9.87
CA TRP B 256 16.04 16.06 10.32
C TRP B 256 17.02 15.16 9.58
N LEU B 257 18.04 14.67 10.30
CA LEU B 257 19.00 13.75 9.73
C LEU B 257 18.43 12.34 9.83
N GLU B 258 18.35 11.66 8.69
CA GLU B 258 17.81 10.30 8.61
C GLU B 258 18.83 9.39 7.94
N ILE B 259 19.25 8.35 8.67
CA ILE B 259 20.15 7.35 8.13
C ILE B 259 19.29 6.27 7.46
N TYR B 260 19.13 6.38 6.14
CA TYR B 260 18.30 5.45 5.38
C TYR B 260 19.19 4.36 4.79
N HIS B 261 18.55 3.31 4.27
CA HIS B 261 19.24 2.21 3.61
C HIS B 261 18.76 2.11 2.17
N GLY B 262 19.67 1.68 1.28
CA GLY B 262 19.36 1.50 -0.12
C GLY B 262 20.11 0.30 -0.69
N ALA B 263 19.58 -0.28 -1.77
CA ALA B 263 20.13 -1.48 -2.36
C ALA B 263 20.04 -1.42 -3.88
N ASP B 264 20.80 -2.30 -4.54
CA ASP B 264 20.82 -2.40 -6.00
C ASP B 264 20.18 -3.70 -6.42
N PHE B 265 20.32 -4.08 -7.69
CA PHE B 265 19.65 -5.25 -8.25
C PHE B 265 20.41 -6.52 -7.89
N ASN B 266 21.62 -6.38 -7.34
CA ASN B 266 22.37 -7.51 -6.81
C ASN B 266 22.06 -7.72 -5.33
N HIS B 267 21.16 -6.90 -4.78
CA HIS B 267 20.76 -6.95 -3.38
C HIS B 267 21.95 -6.63 -2.48
N ARG B 268 22.75 -5.62 -2.89
CA ARG B 268 23.83 -5.11 -2.08
C ARG B 268 23.34 -3.85 -1.36
N TYR B 269 23.20 -3.95 -0.03
CA TYR B 269 22.63 -2.89 0.77
C TYR B 269 23.75 -1.99 1.31
N CYS B 270 23.51 -0.67 1.25
CA CYS B 270 24.38 0.32 1.86
C CYS B 270 23.54 1.27 2.70
N LEU B 271 24.20 2.18 3.43
CA LEU B 271 23.52 3.21 4.20
C LEU B 271 23.85 4.58 3.62
N GLY B 272 22.88 5.49 3.69
CA GLY B 272 23.04 6.86 3.21
C GLY B 272 22.46 7.86 4.22
N ALA B 273 22.34 9.11 3.80
CA ALA B 273 21.88 10.18 4.67
C ALA B 273 20.89 11.08 3.94
N LEU B 274 19.77 11.39 4.62
CA LEU B 274 18.78 12.35 4.14
C LEU B 274 18.65 13.48 5.16
N LEU B 275 18.68 14.72 4.67
CA LEU B 275 18.41 15.89 5.48
C LEU B 275 17.10 16.52 5.02
N LEU B 276 16.20 16.79 5.97
CA LEU B 276 14.85 17.21 5.67
C LEU B 276 14.51 18.47 6.48
N ASP B 277 13.56 19.26 5.98
CA ASP B 277 13.17 20.51 6.62
C ASP B 277 12.42 20.19 7.92
N LEU B 278 12.62 21.06 8.92
CA LEU B 278 12.08 20.85 10.25
C LEU B 278 10.56 21.00 10.25
N ASN B 279 10.07 22.04 9.56
CA ASN B 279 8.65 22.34 9.52
C ASN B 279 7.92 21.39 8.58
N ASP B 280 8.57 21.06 7.45
CA ASP B 280 7.99 20.19 6.43
C ASP B 280 8.93 19.03 6.17
N PRO B 281 8.79 17.90 6.90
CA PRO B 281 9.67 16.74 6.71
C PRO B 281 9.64 16.09 5.33
N SER B 282 8.61 16.38 4.53
CA SER B 282 8.47 15.82 3.19
C SER B 282 9.45 16.47 2.23
N LYS B 283 9.89 17.70 2.53
CA LYS B 283 10.78 18.45 1.65
C LYS B 283 12.23 18.09 1.98
N VAL B 284 12.96 17.64 0.96
CA VAL B 284 14.33 17.20 1.13
C VAL B 284 15.28 18.38 0.91
N LEU B 285 16.23 18.56 1.85
CA LEU B 285 17.18 19.65 1.79
C LEU B 285 18.48 19.17 1.14
N ALA B 286 18.97 18.01 1.60
CA ALA B 286 20.19 17.43 1.04
C ALA B 286 20.11 15.90 1.14
N ARG B 287 20.92 15.24 0.30
CA ARG B 287 20.96 13.79 0.24
C ARG B 287 22.37 13.35 -0.19
N SER B 288 22.89 12.31 0.46
CA SER B 288 24.24 11.84 0.18
C SER B 288 24.28 11.19 -1.19
N LYS B 289 25.24 11.63 -2.02
CA LYS B 289 25.43 11.10 -3.36
C LYS B 289 25.95 9.66 -3.27
N GLU B 290 27.00 9.47 -2.47
CA GLU B 290 27.59 8.17 -2.23
C GLU B 290 27.19 7.70 -0.85
N PRO B 291 27.23 6.38 -0.56
CA PRO B 291 26.82 5.87 0.75
C PRO B 291 27.81 6.22 1.85
N ILE B 292 27.30 6.42 3.07
CA ILE B 292 28.12 6.76 4.22
C ILE B 292 28.67 5.48 4.86
N MET B 293 28.08 4.32 4.53
CA MET B 293 28.57 3.05 5.02
C MET B 293 28.28 1.96 4.00
N GLU B 294 29.21 1.03 3.85
CA GLU B 294 29.13 -0.04 2.87
C GLU B 294 29.49 -1.36 3.53
N PRO B 295 29.09 -2.52 2.95
CA PRO B 295 29.45 -3.82 3.51
C PRO B 295 30.89 -4.23 3.20
N ILE B 296 31.84 -3.65 3.96
CA ILE B 296 33.26 -3.82 3.72
C ILE B 296 33.77 -5.04 4.50
N ALA B 297 33.37 -5.14 5.77
CA ALA B 297 33.89 -6.15 6.69
C ALA B 297 33.56 -7.56 6.18
N SER B 298 34.30 -8.55 6.70
CA SER B 298 34.18 -9.94 6.27
C SER B 298 32.83 -10.50 6.72
N TYR B 299 32.42 -10.17 7.95
CA TYR B 299 31.18 -10.66 8.52
C TYR B 299 29.96 -9.98 7.89
N GLU B 300 30.22 -8.91 7.12
CA GLU B 300 29.17 -8.23 6.36
C GLU B 300 29.08 -8.80 4.94
N GLN B 301 29.85 -9.87 4.67
CA GLN B 301 29.88 -10.48 3.34
C GLN B 301 29.74 -12.00 3.45
N THR B 302 28.99 -12.47 4.45
CA THR B 302 28.74 -13.90 4.64
C THR B 302 27.26 -14.19 4.39
N GLY B 303 26.71 -13.59 3.32
CA GLY B 303 25.29 -13.68 3.03
C GLY B 303 24.97 -14.91 2.17
N PHE B 304 23.69 -15.07 1.84
CA PHE B 304 23.20 -16.14 0.98
C PHE B 304 22.41 -15.53 -0.18
N PHE B 305 22.78 -14.29 -0.54
CA PHE B 305 22.15 -13.59 -1.66
C PHE B 305 23.06 -12.42 -2.05
N GLY B 306 23.34 -11.54 -1.09
CA GLY B 306 24.27 -10.43 -1.28
C GLY B 306 24.84 -9.93 0.04
N ASN B 307 25.56 -8.80 -0.03
CA ASN B 307 26.19 -8.19 1.14
C ASN B 307 25.21 -7.18 1.74
N VAL B 308 24.88 -7.35 3.03
CA VAL B 308 23.76 -6.64 3.62
C VAL B 308 24.21 -5.88 4.88
N ILE B 309 23.95 -4.57 4.87
CA ILE B 309 23.94 -3.73 6.07
C ILE B 309 22.51 -3.24 6.25
N PHE B 310 21.96 -3.35 7.47
CA PHE B 310 20.60 -2.94 7.73
C PHE B 310 20.46 -2.47 9.18
N THR B 311 20.10 -1.19 9.34
CA THR B 311 19.92 -0.58 10.64
C THR B 311 18.47 -0.13 10.79
N ASN B 312 17.91 -0.34 11.99
CA ASN B 312 16.59 0.17 12.34
C ASN B 312 16.56 0.53 13.82
N GLY B 313 17.69 1.06 14.31
CA GLY B 313 17.82 1.42 15.72
C GLY B 313 19.21 2.02 16.00
N GLN B 314 19.24 3.05 16.84
CA GLN B 314 20.48 3.78 17.10
C GLN B 314 20.34 4.65 18.35
N LEU B 315 21.49 5.00 18.93
CA LEU B 315 21.57 5.95 20.03
C LEU B 315 22.38 7.17 19.58
N VAL B 316 22.08 8.32 20.18
CA VAL B 316 22.78 9.56 19.87
C VAL B 316 23.32 10.15 21.17
N ASP B 317 24.62 10.49 21.16
CA ASP B 317 25.27 11.10 22.30
C ASP B 317 26.05 12.32 21.80
N GLY B 318 25.33 13.43 21.65
CA GLY B 318 25.90 14.66 21.11
C GLY B 318 26.21 14.50 19.62
N ASP B 319 27.50 14.31 19.31
CA ASP B 319 27.96 14.20 17.93
C ASP B 319 27.98 12.74 17.49
N THR B 320 28.14 11.81 18.45
CA THR B 320 28.34 10.40 18.14
C THR B 320 27.00 9.71 17.97
N ILE B 321 26.80 9.10 16.79
CA ILE B 321 25.65 8.25 16.52
C ILE B 321 26.10 6.79 16.66
N THR B 322 25.60 6.11 17.69
CA THR B 322 25.86 4.70 17.89
C THR B 322 24.75 3.89 17.24
N ILE B 323 25.06 3.20 16.14
CA ILE B 323 24.09 2.40 15.42
C ILE B 323 24.32 0.93 15.71
N TYR B 324 23.22 0.17 15.80
CA TYR B 324 23.26 -1.28 15.82
C TYR B 324 22.58 -1.78 14.54
N TYR B 325 23.19 -2.76 13.89
CA TYR B 325 22.74 -3.19 12.57
C TYR B 325 22.94 -4.70 12.40
N GLY B 326 22.18 -5.29 11.48
CA GLY B 326 22.34 -6.68 11.10
C GLY B 326 23.33 -6.81 9.93
N ALA B 327 24.19 -7.83 10.00
CA ALA B 327 25.20 -8.07 8.99
C ALA B 327 24.94 -9.42 8.32
N SER B 328 24.65 -9.37 7.01
CA SER B 328 24.39 -10.55 6.20
C SER B 328 23.15 -11.28 6.68
N ASP B 329 22.24 -10.55 7.33
CA ASP B 329 21.01 -11.10 7.88
C ASP B 329 21.32 -12.35 8.71
N GLU B 330 22.27 -12.24 9.64
CA GLU B 330 22.73 -13.39 10.40
C GLU B 330 23.18 -12.98 11.80
N VAL B 331 24.02 -11.95 11.89
CA VAL B 331 24.63 -11.55 13.15
C VAL B 331 24.31 -10.09 13.45
N ILE B 332 24.39 -9.73 14.74
CA ILE B 332 24.23 -8.36 15.20
C ILE B 332 25.60 -7.69 15.26
N CYS B 333 25.63 -6.38 14.99
CA CYS B 333 26.86 -5.62 14.99
C CYS B 333 26.62 -4.20 15.50
N LYS B 334 27.71 -3.48 15.75
CA LYS B 334 27.68 -2.13 16.29
C LYS B 334 28.67 -1.26 15.52
N ALA B 335 28.37 0.04 15.41
CA ALA B 335 29.25 0.99 14.77
C ALA B 335 28.95 2.41 15.26
N GLU B 336 29.85 3.34 14.95
CA GLU B 336 29.72 4.72 15.38
C GLU B 336 29.86 5.65 14.16
N LEU B 337 29.14 6.77 14.21
CA LEU B 337 29.14 7.77 13.14
C LEU B 337 29.13 9.17 13.75
N SER B 338 29.60 10.14 12.97
CA SER B 338 29.67 11.53 13.40
C SER B 338 28.62 12.36 12.68
N VAL B 339 27.81 13.10 13.46
CA VAL B 339 26.80 13.98 12.92
C VAL B 339 27.48 15.04 12.06
N LYS B 340 28.44 15.75 12.67
CA LYS B 340 29.14 16.86 12.02
C LYS B 340 29.72 16.39 10.68
N GLU B 341 30.33 15.20 10.67
CA GLU B 341 31.00 14.68 9.49
C GLU B 341 29.98 14.45 8.37
N ILE B 342 28.81 13.90 8.73
CA ILE B 342 27.77 13.60 7.76
C ILE B 342 27.24 14.91 7.18
N LEU B 343 26.96 15.89 8.04
CA LEU B 343 26.45 17.19 7.62
C LEU B 343 27.45 17.88 6.71
N ASN B 344 28.75 17.67 6.98
CA ASN B 344 29.82 18.28 6.20
C ASN B 344 29.79 17.76 4.76
N ILE B 345 29.51 16.45 4.60
CA ILE B 345 29.46 15.82 3.29
C ILE B 345 28.26 16.33 2.51
N LEU B 346 27.20 16.74 3.22
CA LEU B 346 25.98 17.23 2.59
C LEU B 346 26.06 18.74 2.38
N ASN B 347 27.19 19.23 1.85
CA ASN B 347 27.40 20.63 1.54
C ASN B 347 28.39 20.76 0.39
C1 MAN C . -5.67 -0.19 -14.60
C2 MAN C . -7.00 0.27 -15.18
C3 MAN C . -6.84 1.60 -15.92
C4 MAN C . -6.16 2.62 -15.03
C5 MAN C . -4.84 2.08 -14.47
C6 MAN C . -4.22 3.00 -13.45
O1 MAN C . -4.82 -0.55 -15.63
O2 MAN C . -7.99 0.39 -14.13
O3 MAN C . -8.12 2.06 -16.34
O4 MAN C . -5.88 3.80 -15.77
O5 MAN C . -5.07 0.82 -13.79
O6 MAN C . -5.09 3.19 -12.33
C1 BMA C . -8.63 -0.77 -13.69
C2 BMA C . -9.88 -0.32 -12.95
C3 BMA C . -10.80 0.45 -13.88
C4 BMA C . -10.87 -0.21 -15.25
C5 BMA C . -10.37 -1.64 -15.17
C6 BMA C . -10.43 -2.37 -16.49
O2 BMA C . -9.51 0.46 -11.81
O3 BMA C . -10.34 1.80 -14.00
O4 BMA C . -12.21 -0.20 -15.74
O5 BMA C . -8.97 -1.65 -14.76
O6 BMA C . -9.53 -1.82 -17.45
C1 MAN D . 12.40 -9.46 2.49
C2 MAN D . 13.36 -9.47 3.67
C3 MAN D . 13.00 -10.52 4.69
C4 MAN D . 11.54 -10.43 5.08
C5 MAN D . 10.65 -10.44 3.84
C6 MAN D . 9.18 -10.24 4.15
O1 MAN D . 12.60 -10.61 1.74
O2 MAN D . 13.37 -8.16 4.31
O3 MAN D . 13.82 -10.38 5.85
O4 MAN D . 11.19 -11.53 5.91
O5 MAN D . 11.05 -9.37 2.96
O6 MAN D . 8.95 -9.02 4.85
C1 BMA D . 14.10 -7.11 3.74
C2 BMA D . 14.29 -6.10 4.86
C3 BMA D . 15.08 -6.71 6.00
C4 BMA D . 16.27 -7.50 5.48
C5 BMA D . 16.52 -7.19 4.00
C6 BMA D . 17.68 -7.98 3.42
O2 BMA D . 13.02 -5.63 5.31
O3 BMA D . 14.23 -7.56 6.77
O4 BMA D . 17.43 -7.17 6.22
O5 BMA D . 15.36 -7.54 3.21
O6 BMA D . 17.33 -9.35 3.23
S SO4 E . -9.35 -3.28 -10.46
O1 SO4 E . -7.97 -3.55 -10.13
O2 SO4 E . -10.19 -4.15 -9.67
O3 SO4 E . -9.67 -1.91 -10.17
O4 SO4 E . -9.56 -3.54 -11.86
S SO4 F . 13.74 -3.35 2.28
O1 SO4 F . 14.12 -2.01 1.92
O2 SO4 F . 14.90 -4.20 2.22
O3 SO4 F . 13.21 -3.35 3.62
O4 SO4 F . 12.75 -3.83 1.36
#